data_9MYF
#
_entry.id   9MYF
#
_cell.length_a   204.048
_cell.length_b   58.923
_cell.length_c   106.929
_cell.angle_alpha   90.000
_cell.angle_beta   101.938
_cell.angle_gamma   90.000
#
_symmetry.space_group_name_H-M   'C 1 2 1'
#
loop_
_entity.id
_entity.type
_entity.pdbx_description
1 polymer 'NAD-dependent malic enzyme, mitochondrial'
2 non-polymer 'MAGNESIUM ION'
3 non-polymer 2~3~,2~6~-dihydroxy-1~4~,3~4~-dimethoxy[1~1~,2~1~:2~4~,3~1~-terphenyl]-2~2~,2~5~-dione
4 non-polymer 'SUCCINIC ACID'
5 non-polymer NICOTINAMIDE-ADENINE-DINUCLEOTIDE
6 non-polymer 'PHOSPHATE ION'
7 water water
#
_entity_poly.entity_id   1
_entity_poly.type   'polypeptide(L)'
_entity_poly.pdbx_seq_one_letter_code
;MLHIKEKGKPLMLNPRTNKGMAFTLQERQMLGLQGLLPPKIETQDIQALRFHRNLKKMTSPLEKYIYIMGIQERNEKLFY
RILQDDIESLMPIVYTPTVGLACSQYGHIFRRPKGLFISISDRGHVRSIVDNWPENHVKAVVVTDGERILGLGDLGVYGM
GIPVGKLCLYTACAGIRPDRCLPVCIDVGTDNIALLKDPFYMGLYQKRDRTQQYDDLIDEFMKAITDRYGRNTLIQFEDF
GNHNAFRFLRKYREKYCTFNDDIQGTAAVALAGLLAAQKVISKPISEHKILFLGAGEAALGIANLIVMSMVENGLSEQEA
QKKIWMFDKYGLLVKGRKAKIDSYQEPFTHSAPESIPDTFEDAVNILKPSTIIGVAGAGRLFTPDVIRAMASINERPVIF
ALSNPTAQAECTAEEAYTLTEGRCLFASGSPFGPVKLTDGRVFTPGQGNNVYIFPGVALAVILCNTRHISDSVFLEAAKA
LTSQLTDEELAQGRLYPPLANIQEVSINIAIKVTEYLYANKMAFRYPEPEDKAKYVKERTWRSEYDSLLPDVYEWPESAS
SPPVITELEHHHHHH
;
_entity_poly.pdbx_strand_id   A,B
#
loop_
_chem_comp.id
_chem_comp.type
_chem_comp.name
_chem_comp.formula
A1AE5 non-polymer 2~3~,2~6~-dihydroxy-1~4~,3~4~-dimethoxy[1~1~,2~1~:2~4~,3~1~-terphenyl]-2~2~,2~5~-dione 'C20 H16 O6'
MG non-polymer 'MAGNESIUM ION' 'Mg 2'
NAD non-polymer NICOTINAMIDE-ADENINE-DINUCLEOTIDE 'C21 H27 N7 O14 P2'
PO4 non-polymer 'PHOSPHATE ION' 'O4 P -3'
SIN non-polymer 'SUCCINIC ACID' 'C4 H6 O4'
#
# COMPACT_ATOMS: atom_id res chain seq x y z
N LYS A 5 -16.48 -3.03 -13.49
CA LYS A 5 -15.80 -2.10 -14.44
C LYS A 5 -16.47 -2.19 -15.82
N GLU A 6 -16.47 -3.39 -16.41
CA GLU A 6 -16.99 -3.58 -17.76
C GLU A 6 -18.07 -4.67 -17.75
N LYS A 7 -18.87 -4.71 -18.83
CA LYS A 7 -19.90 -5.72 -19.01
C LYS A 7 -19.89 -6.20 -20.46
N GLY A 8 -20.61 -7.29 -20.72
CA GLY A 8 -20.78 -7.83 -22.07
C GLY A 8 -19.57 -8.66 -22.50
N LYS A 9 -19.34 -8.72 -23.82
CA LYS A 9 -18.29 -9.53 -24.42
C LYS A 9 -16.95 -9.28 -23.71
N PRO A 10 -16.57 -8.02 -23.39
CA PRO A 10 -15.34 -7.75 -22.62
C PRO A 10 -15.08 -8.54 -21.34
N LEU A 11 -16.16 -8.94 -20.63
CA LEU A 11 -16.01 -9.79 -19.45
C LEU A 11 -15.49 -11.17 -19.86
N MET A 12 -16.01 -11.69 -20.98
CA MET A 12 -15.64 -13.02 -21.46
C MET A 12 -14.24 -13.01 -22.08
N LEU A 13 -13.81 -11.85 -22.60
CA LEU A 13 -12.51 -11.72 -23.23
C LEU A 13 -11.42 -11.44 -22.20
N ASN A 14 -11.81 -11.12 -20.96
CA ASN A 14 -10.87 -10.81 -19.89
C ASN A 14 -10.68 -12.04 -19.01
N PRO A 15 -9.50 -12.68 -19.02
CA PRO A 15 -9.26 -13.90 -18.22
C PRO A 15 -9.60 -13.77 -16.74
N ARG A 16 -9.37 -12.58 -16.17
CA ARG A 16 -9.52 -12.38 -14.73
C ARG A 16 -11.00 -12.45 -14.33
N THR A 17 -11.89 -12.05 -15.25
CA THR A 17 -13.31 -11.96 -14.98
C THR A 17 -14.06 -13.15 -15.55
N ASN A 18 -13.51 -13.79 -16.60
CA ASN A 18 -14.23 -14.78 -17.36
C ASN A 18 -14.42 -16.06 -16.54
N LYS A 19 -15.70 -16.36 -16.25
CA LYS A 19 -16.08 -17.58 -15.55
C LYS A 19 -16.54 -18.64 -16.54
N GLY A 20 -16.64 -18.27 -17.83
CA GLY A 20 -17.06 -19.20 -18.86
C GLY A 20 -18.55 -19.52 -18.72
N MET A 21 -18.89 -20.81 -18.78
CA MET A 21 -20.27 -21.22 -18.63
C MET A 21 -20.63 -21.34 -17.15
N ALA A 22 -19.74 -20.91 -16.25
CA ALA A 22 -20.05 -20.87 -14.83
C ALA A 22 -20.72 -19.56 -14.44
N PHE A 23 -20.94 -18.67 -15.42
CA PHE A 23 -21.76 -17.49 -15.16
C PHE A 23 -23.18 -17.96 -14.87
N THR A 24 -23.70 -17.55 -13.69
CA THR A 24 -25.04 -17.92 -13.28
C THR A 24 -26.05 -17.23 -14.19
N LEU A 25 -27.29 -17.72 -14.18
CA LEU A 25 -28.32 -17.19 -15.06
C LEU A 25 -28.48 -15.68 -14.82
N GLN A 26 -28.48 -15.28 -13.54
CA GLN A 26 -28.69 -13.89 -13.17
C GLN A 26 -27.53 -13.04 -13.65
N GLU A 27 -26.31 -13.52 -13.39
CA GLU A 27 -25.10 -12.84 -13.86
C GLU A 27 -25.22 -12.58 -15.36
N ARG A 28 -25.60 -13.61 -16.12
CA ARG A 28 -25.72 -13.50 -17.56
C ARG A 28 -26.73 -12.43 -17.94
N GLN A 29 -27.89 -12.45 -17.30
CA GLN A 29 -28.97 -11.54 -17.62
C GLN A 29 -28.58 -10.12 -17.24
N MET A 30 -27.94 -9.96 -16.08
CA MET A 30 -27.72 -8.66 -15.47
C MET A 30 -26.48 -7.99 -16.06
N LEU A 31 -25.57 -8.79 -16.63
CA LEU A 31 -24.32 -8.30 -17.19
C LEU A 31 -24.36 -8.32 -18.72
N GLY A 32 -25.53 -8.61 -19.31
CA GLY A 32 -25.72 -8.56 -20.75
C GLY A 32 -24.94 -9.67 -21.47
N LEU A 33 -24.93 -10.87 -20.87
CA LEU A 33 -24.23 -12.02 -21.44
C LEU A 33 -25.23 -13.05 -21.94
N GLN A 34 -26.52 -12.88 -21.62
CA GLN A 34 -27.54 -13.85 -21.99
C GLN A 34 -27.55 -13.98 -23.50
N GLY A 35 -27.24 -15.18 -24.00
CA GLY A 35 -27.26 -15.45 -25.42
C GLY A 35 -25.85 -15.64 -25.98
N LEU A 36 -24.85 -15.04 -25.34
CA LEU A 36 -23.47 -15.15 -25.80
C LEU A 36 -22.88 -16.47 -25.30
N LEU A 37 -23.49 -17.03 -24.25
CA LEU A 37 -23.09 -18.32 -23.72
C LEU A 37 -24.12 -19.39 -24.07
N PRO A 38 -23.73 -20.67 -24.18
CA PRO A 38 -24.69 -21.76 -24.35
C PRO A 38 -25.64 -21.85 -23.16
N PRO A 39 -26.91 -22.29 -23.35
CA PRO A 39 -27.90 -22.29 -22.28
C PRO A 39 -27.67 -23.29 -21.16
N LYS A 40 -26.48 -23.29 -20.57
CA LYS A 40 -26.13 -24.27 -19.56
C LYS A 40 -25.21 -23.64 -18.52
N ILE A 41 -25.58 -23.81 -17.24
CA ILE A 41 -24.76 -23.34 -16.14
C ILE A 41 -23.86 -24.48 -15.71
N GLU A 42 -22.57 -24.19 -15.54
CA GLU A 42 -21.62 -25.17 -15.03
C GLU A 42 -21.04 -24.65 -13.73
N THR A 43 -20.29 -25.52 -13.04
CA THR A 43 -19.48 -25.11 -11.91
C THR A 43 -18.02 -25.19 -12.33
N GLN A 44 -17.14 -24.72 -11.46
CA GLN A 44 -15.71 -24.85 -11.67
C GLN A 44 -15.34 -26.34 -11.64
N ASP A 45 -16.21 -27.17 -11.02
CA ASP A 45 -16.00 -28.60 -10.92
C ASP A 45 -16.23 -29.27 -12.28
N ILE A 46 -17.32 -28.90 -12.96
CA ILE A 46 -17.63 -29.44 -14.28
C ILE A 46 -16.53 -29.03 -15.26
N GLN A 47 -16.20 -27.73 -15.25
CA GLN A 47 -15.18 -27.17 -16.14
C GLN A 47 -13.86 -27.90 -15.93
N ALA A 48 -13.55 -28.24 -14.68
CA ALA A 48 -12.29 -28.89 -14.33
C ALA A 48 -12.26 -30.32 -14.88
N LEU A 49 -13.37 -31.05 -14.75
CA LEU A 49 -13.45 -32.41 -15.25
C LEU A 49 -13.18 -32.40 -16.75
N ARG A 50 -13.84 -31.48 -17.48
CA ARG A 50 -13.68 -31.36 -18.92
C ARG A 50 -12.20 -31.29 -19.29
N PHE A 51 -11.44 -30.52 -18.51
CA PHE A 51 -10.00 -30.40 -18.71
C PHE A 51 -9.33 -31.77 -18.54
N HIS A 52 -9.66 -32.49 -17.46
CA HIS A 52 -9.00 -33.74 -17.15
C HIS A 52 -9.31 -34.80 -18.20
N ARG A 53 -10.51 -34.74 -18.81
CA ARG A 53 -10.87 -35.66 -19.88
C ARG A 53 -10.01 -35.40 -21.11
N ASN A 54 -9.86 -34.13 -21.48
CA ASN A 54 -9.08 -33.75 -22.65
C ASN A 54 -7.60 -34.07 -22.42
N LEU A 55 -7.13 -33.88 -21.18
CA LEU A 55 -5.72 -34.07 -20.86
C LEU A 55 -5.36 -35.55 -20.97
N LYS A 56 -6.33 -36.43 -20.67
CA LYS A 56 -6.14 -37.87 -20.74
C LYS A 56 -5.98 -38.33 -22.19
N LYS A 57 -6.74 -37.71 -23.12
CA LYS A 57 -6.68 -38.04 -24.53
C LYS A 57 -5.56 -37.26 -25.23
N MET A 58 -4.39 -37.20 -24.58
CA MET A 58 -3.20 -36.57 -25.13
C MET A 58 -1.99 -37.31 -24.61
N THR A 59 -1.07 -37.66 -25.52
CA THR A 59 0.15 -38.37 -25.15
C THR A 59 1.30 -37.37 -25.02
N SER A 60 1.49 -36.55 -26.06
CA SER A 60 2.59 -35.61 -26.14
C SER A 60 2.54 -34.64 -24.95
N PRO A 61 3.63 -34.52 -24.16
CA PRO A 61 3.72 -33.48 -23.12
C PRO A 61 3.58 -32.05 -23.64
N LEU A 62 4.08 -31.80 -24.86
CA LEU A 62 4.07 -30.48 -25.45
C LEU A 62 2.64 -30.07 -25.82
N GLU A 63 1.78 -31.06 -26.12
CA GLU A 63 0.38 -30.80 -26.41
C GLU A 63 -0.35 -30.42 -25.12
N LYS A 64 0.05 -31.04 -24.00
CA LYS A 64 -0.55 -30.77 -22.71
C LYS A 64 -0.20 -29.34 -22.27
N TYR A 65 1.04 -28.93 -22.52
CA TYR A 65 1.52 -27.61 -22.14
C TYR A 65 0.72 -26.54 -22.88
N ILE A 66 0.59 -26.70 -24.20
CA ILE A 66 -0.04 -25.69 -25.04
C ILE A 66 -1.52 -25.56 -24.65
N TYR A 67 -2.16 -26.68 -24.33
CA TYR A 67 -3.57 -26.69 -23.95
C TYR A 67 -3.76 -25.90 -22.67
N ILE A 68 -3.03 -26.30 -21.61
CA ILE A 68 -3.25 -25.80 -20.27
C ILE A 68 -2.86 -24.33 -20.19
N MET A 69 -1.79 -23.94 -20.90
CA MET A 69 -1.34 -22.55 -20.89
C MET A 69 -2.30 -21.67 -21.67
N GLY A 70 -3.09 -22.27 -22.56
CA GLY A 70 -4.15 -21.56 -23.26
C GLY A 70 -5.28 -21.19 -22.30
N ILE A 71 -5.49 -22.02 -21.27
CA ILE A 71 -6.58 -21.84 -20.33
C ILE A 71 -6.32 -20.59 -19.50
N GLN A 72 -5.04 -20.27 -19.27
CA GLN A 72 -4.65 -19.08 -18.53
C GLN A 72 -5.11 -17.82 -19.25
N GLU A 73 -5.15 -17.87 -20.59
CA GLU A 73 -5.52 -16.70 -21.39
C GLU A 73 -7.01 -16.67 -21.65
N ARG A 74 -7.76 -17.66 -21.15
CA ARG A 74 -9.20 -17.72 -21.34
C ARG A 74 -9.93 -17.55 -20.01
N ASN A 75 -9.44 -18.25 -18.97
CA ASN A 75 -10.07 -18.25 -17.66
C ASN A 75 -9.00 -18.53 -16.60
N GLU A 76 -8.65 -17.49 -15.85
CA GLU A 76 -7.50 -17.52 -14.96
C GLU A 76 -7.78 -18.40 -13.74
N LYS A 77 -8.97 -18.25 -13.15
CA LYS A 77 -9.33 -18.98 -11.95
C LYS A 77 -9.46 -20.47 -12.26
N LEU A 78 -10.02 -20.82 -13.42
CA LEU A 78 -10.08 -22.20 -13.85
C LEU A 78 -8.66 -22.77 -13.96
N PHE A 79 -7.76 -21.99 -14.56
CA PHE A 79 -6.39 -22.41 -14.79
C PHE A 79 -5.74 -22.83 -13.47
N TYR A 80 -5.85 -21.96 -12.45
CA TYR A 80 -5.14 -22.17 -11.20
C TYR A 80 -5.84 -23.24 -10.36
N ARG A 81 -7.16 -23.39 -10.53
CA ARG A 81 -7.90 -24.49 -9.96
C ARG A 81 -7.33 -25.82 -10.46
N ILE A 82 -7.13 -25.90 -11.78
CA ILE A 82 -6.71 -27.13 -12.44
C ILE A 82 -5.33 -27.56 -11.95
N LEU A 83 -4.42 -26.61 -11.72
CA LEU A 83 -3.11 -26.92 -11.18
C LEU A 83 -3.26 -27.48 -9.76
N GLN A 84 -4.17 -26.89 -8.98
CA GLN A 84 -4.34 -27.25 -7.58
C GLN A 84 -5.06 -28.59 -7.43
N ASP A 85 -5.76 -29.04 -8.48
CA ASP A 85 -6.43 -30.33 -8.48
C ASP A 85 -5.39 -31.44 -8.38
N ASP A 86 -4.44 -31.44 -9.33
CA ASP A 86 -3.35 -32.40 -9.32
C ASP A 86 -2.07 -31.67 -9.69
N ILE A 87 -1.43 -31.08 -8.67
CA ILE A 87 -0.25 -30.26 -8.85
C ILE A 87 0.95 -31.13 -9.19
N GLU A 88 0.98 -32.35 -8.64
CA GLU A 88 2.14 -33.22 -8.74
C GLU A 88 2.41 -33.58 -10.18
N SER A 89 1.36 -33.94 -10.93
CA SER A 89 1.49 -34.42 -12.29
C SER A 89 1.60 -33.27 -13.29
N LEU A 90 1.03 -32.10 -12.97
CA LEU A 90 0.94 -30.99 -13.90
C LEU A 90 2.14 -30.05 -13.77
N MET A 91 2.84 -30.10 -12.63
CA MET A 91 4.00 -29.26 -12.41
C MET A 91 5.11 -29.65 -13.40
N PRO A 92 5.32 -30.96 -13.67
CA PRO A 92 6.11 -31.39 -14.82
C PRO A 92 5.80 -30.72 -16.16
N ILE A 93 4.53 -30.33 -16.36
CA ILE A 93 4.10 -29.76 -17.63
C ILE A 93 4.38 -28.26 -17.64
N VAL A 94 3.80 -27.53 -16.69
CA VAL A 94 3.89 -26.08 -16.68
C VAL A 94 5.33 -25.64 -16.45
N TYR A 95 6.09 -26.45 -15.71
CA TYR A 95 7.52 -26.20 -15.54
C TYR A 95 8.29 -27.45 -15.97
N THR A 96 9.43 -27.72 -15.34
CA THR A 96 10.37 -28.72 -15.83
C THR A 96 9.81 -30.12 -15.64
N PRO A 97 10.10 -31.07 -16.55
CA PRO A 97 11.00 -30.84 -17.69
C PRO A 97 10.39 -30.20 -18.95
N THR A 98 9.06 -30.28 -19.09
CA THR A 98 8.38 -29.93 -20.32
C THR A 98 8.66 -28.49 -20.74
N VAL A 99 8.77 -27.58 -19.76
CA VAL A 99 8.96 -26.17 -20.06
C VAL A 99 10.24 -26.00 -20.88
N GLY A 100 11.24 -26.85 -20.64
CA GLY A 100 12.44 -26.88 -21.45
C GLY A 100 12.11 -27.13 -22.92
N LEU A 101 11.31 -28.18 -23.17
CA LEU A 101 10.91 -28.55 -24.52
C LEU A 101 10.13 -27.41 -25.16
N ALA A 102 9.22 -26.81 -24.40
CA ALA A 102 8.44 -25.67 -24.86
C ALA A 102 9.35 -24.49 -25.16
N CYS A 103 10.35 -24.26 -24.30
CA CYS A 103 11.27 -23.16 -24.47
C CYS A 103 12.11 -23.33 -25.73
N SER A 104 12.38 -24.58 -26.12
CA SER A 104 13.17 -24.85 -27.33
C SER A 104 12.39 -24.43 -28.58
N GLN A 105 11.09 -24.75 -28.60
CA GLN A 105 10.24 -24.51 -29.77
C GLN A 105 9.26 -23.37 -29.47
N TYR A 106 9.72 -22.36 -28.74
CA TYR A 106 8.83 -21.37 -28.15
C TYR A 106 8.26 -20.47 -29.23
N GLY A 107 9.06 -20.22 -30.28
CA GLY A 107 8.62 -19.40 -31.41
C GLY A 107 7.60 -20.13 -32.28
N HIS A 108 7.64 -21.46 -32.28
CA HIS A 108 6.73 -22.29 -33.05
C HIS A 108 5.34 -22.30 -32.39
N ILE A 109 5.32 -22.53 -31.07
CA ILE A 109 4.10 -22.74 -30.33
C ILE A 109 3.47 -21.41 -29.90
N PHE A 110 4.11 -20.29 -30.26
CA PHE A 110 3.63 -18.98 -29.84
C PHE A 110 2.20 -18.77 -30.34
N ARG A 111 1.37 -18.22 -29.45
N ARG A 111 1.36 -18.21 -29.46
CA ARG A 111 -0.04 -17.95 -29.74
CA ARG A 111 -0.03 -17.93 -29.77
C ARG A 111 -0.39 -16.56 -29.24
C ARG A 111 -0.40 -16.55 -29.24
N ARG A 112 -0.29 -16.38 -27.92
CA ARG A 112 -0.57 -15.10 -27.27
C ARG A 112 0.59 -14.76 -26.33
N PRO A 113 1.04 -13.49 -26.27
CA PRO A 113 2.12 -13.10 -25.37
C PRO A 113 1.66 -13.02 -23.90
N LYS A 114 2.61 -13.21 -22.98
CA LYS A 114 2.28 -13.52 -21.60
C LYS A 114 3.03 -12.62 -20.61
N GLY A 115 4.19 -12.07 -20.99
CA GLY A 115 5.02 -11.34 -20.05
C GLY A 115 5.40 -9.94 -20.55
N LEU A 116 6.49 -9.40 -20.01
CA LEU A 116 7.01 -8.10 -20.40
C LEU A 116 8.40 -8.27 -21.01
N PHE A 117 8.60 -7.64 -22.19
CA PHE A 117 9.83 -7.80 -22.95
C PHE A 117 10.59 -6.48 -23.01
N ILE A 118 11.79 -6.47 -22.41
CA ILE A 118 12.67 -5.32 -22.43
C ILE A 118 13.90 -5.67 -23.26
N SER A 119 14.15 -4.90 -24.33
CA SER A 119 15.32 -5.14 -25.16
C SER A 119 16.40 -4.12 -24.89
N ILE A 120 17.62 -4.43 -25.38
CA ILE A 120 18.74 -3.52 -25.36
C ILE A 120 18.49 -2.38 -26.36
N SER A 121 17.61 -2.62 -27.33
CA SER A 121 17.19 -1.59 -28.26
C SER A 121 16.30 -0.55 -27.56
N ASP A 122 15.80 -0.90 -26.37
CA ASP A 122 14.95 -0.01 -25.58
C ASP A 122 15.77 0.65 -24.48
N ARG A 123 17.09 0.77 -24.72
CA ARG A 123 17.99 1.41 -23.77
C ARG A 123 17.56 2.85 -23.54
N GLY A 124 17.38 3.22 -22.27
CA GLY A 124 17.06 4.59 -21.88
C GLY A 124 15.55 4.86 -21.89
N HIS A 125 14.75 3.84 -22.23
CA HIS A 125 13.30 3.98 -22.34
C HIS A 125 12.60 2.85 -21.59
N VAL A 126 13.29 2.26 -20.61
CA VAL A 126 12.76 1.12 -19.88
C VAL A 126 11.52 1.54 -19.09
N ARG A 127 11.48 2.80 -18.65
CA ARG A 127 10.37 3.29 -17.84
C ARG A 127 9.09 3.29 -18.66
N SER A 128 9.18 3.71 -19.93
CA SER A 128 8.02 3.71 -20.83
C SER A 128 7.41 2.33 -20.91
N ILE A 129 8.27 1.32 -21.10
CA ILE A 129 7.83 -0.06 -21.23
C ILE A 129 7.16 -0.52 -19.95
N VAL A 130 7.87 -0.40 -18.82
CA VAL A 130 7.34 -0.84 -17.54
C VAL A 130 5.94 -0.25 -17.34
N ASP A 131 5.73 0.99 -17.80
CA ASP A 131 4.46 1.70 -17.59
C ASP A 131 3.35 1.13 -18.47
N ASN A 132 3.70 0.40 -19.54
CA ASN A 132 2.71 -0.18 -20.43
C ASN A 132 2.07 -1.42 -19.80
N TRP A 133 2.71 -2.01 -18.77
CA TRP A 133 2.13 -3.13 -18.08
C TRP A 133 0.82 -2.70 -17.41
N PRO A 134 -0.32 -3.33 -17.76
CA PRO A 134 -1.63 -2.87 -17.23
C PRO A 134 -1.80 -2.94 -15.72
N GLU A 135 -1.13 -3.90 -15.06
CA GLU A 135 -1.34 -4.14 -13.65
C GLU A 135 -0.56 -3.09 -12.85
N ASN A 136 -1.19 -2.61 -11.75
CA ASN A 136 -0.73 -1.43 -11.04
C ASN A 136 0.03 -1.78 -9.76
N HIS A 137 -0.23 -2.95 -9.16
CA HIS A 137 0.33 -3.30 -7.87
CA HIS A 137 0.34 -3.29 -7.87
C HIS A 137 1.09 -4.62 -7.98
N VAL A 138 2.20 -4.60 -8.73
CA VAL A 138 3.05 -5.77 -8.90
C VAL A 138 3.90 -5.96 -7.64
N LYS A 139 3.96 -7.21 -7.17
CA LYS A 139 4.69 -7.59 -5.96
C LYS A 139 5.83 -8.54 -6.28
N ALA A 140 5.56 -9.53 -7.15
CA ALA A 140 6.54 -10.55 -7.49
C ALA A 140 6.94 -10.42 -8.95
N VAL A 141 8.23 -10.16 -9.18
CA VAL A 141 8.80 -10.10 -10.52
C VAL A 141 9.81 -11.23 -10.66
N VAL A 142 9.72 -11.97 -11.77
CA VAL A 142 10.70 -12.97 -12.13
C VAL A 142 11.25 -12.61 -13.50
N VAL A 143 12.58 -12.54 -13.60
CA VAL A 143 13.25 -11.99 -14.77
C VAL A 143 14.35 -12.95 -15.22
N THR A 144 14.56 -13.00 -16.55
CA THR A 144 15.61 -13.82 -17.13
C THR A 144 16.17 -13.10 -18.35
N ASP A 145 17.48 -13.27 -18.60
CA ASP A 145 18.12 -12.82 -19.82
C ASP A 145 18.10 -13.96 -20.84
N GLY A 146 17.89 -15.19 -20.35
CA GLY A 146 17.69 -16.36 -21.20
C GLY A 146 19.00 -17.06 -21.55
N GLU A 147 20.09 -16.71 -20.85
CA GLU A 147 21.43 -17.12 -21.23
C GLU A 147 21.71 -18.57 -20.80
N ARG A 148 21.06 -19.02 -19.72
CA ARG A 148 21.37 -20.30 -19.11
C ARG A 148 20.06 -20.97 -18.72
N ILE A 149 19.22 -21.26 -19.73
CA ILE A 149 17.91 -21.85 -19.52
C ILE A 149 18.09 -23.35 -19.23
N LEU A 150 17.83 -23.74 -17.98
CA LEU A 150 17.92 -25.13 -17.58
C LEU A 150 19.25 -25.70 -18.09
N GLY A 151 19.19 -26.83 -18.81
CA GLY A 151 20.38 -27.43 -19.38
C GLY A 151 20.56 -27.04 -20.85
N LEU A 152 19.59 -26.29 -21.40
CA LEU A 152 19.51 -26.03 -22.83
C LEU A 152 20.40 -24.86 -23.23
N GLY A 153 21.09 -24.25 -22.26
CA GLY A 153 21.98 -23.13 -22.54
C GLY A 153 21.18 -21.90 -22.97
N ASP A 154 21.76 -21.13 -23.90
CA ASP A 154 21.23 -19.85 -24.33
C ASP A 154 20.04 -20.10 -25.25
N LEU A 155 18.88 -19.50 -24.90
CA LEU A 155 17.68 -19.60 -25.72
C LEU A 155 17.05 -18.22 -25.96
N GLY A 156 17.75 -17.16 -25.57
CA GLY A 156 17.29 -15.80 -25.84
C GLY A 156 15.91 -15.54 -25.22
N VAL A 157 14.98 -15.00 -26.03
CA VAL A 157 13.68 -14.58 -25.54
C VAL A 157 12.75 -15.78 -25.43
N TYR A 158 13.18 -16.95 -25.94
CA TYR A 158 12.43 -18.17 -25.74
C TYR A 158 12.44 -18.55 -24.26
N GLY A 159 13.39 -18.01 -23.51
CA GLY A 159 13.47 -18.24 -22.07
C GLY A 159 12.27 -17.69 -21.30
N MET A 160 11.44 -16.85 -21.93
CA MET A 160 10.32 -16.20 -21.26
C MET A 160 9.40 -17.22 -20.60
N GLY A 161 9.32 -18.42 -21.16
CA GLY A 161 8.50 -19.49 -20.60
C GLY A 161 8.85 -19.79 -19.14
N ILE A 162 10.12 -19.58 -18.77
CA ILE A 162 10.59 -19.90 -17.44
C ILE A 162 9.96 -18.95 -16.41
N PRO A 163 10.16 -17.61 -16.49
CA PRO A 163 9.42 -16.68 -15.64
C PRO A 163 7.93 -17.00 -15.53
N VAL A 164 7.29 -17.21 -16.69
CA VAL A 164 5.85 -17.44 -16.77
C VAL A 164 5.47 -18.65 -15.94
N GLY A 165 6.20 -19.75 -16.16
CA GLY A 165 5.93 -21.00 -15.46
C GLY A 165 6.26 -20.89 -13.98
N LYS A 166 7.33 -20.16 -13.65
CA LYS A 166 7.74 -19.95 -12.28
C LYS A 166 6.60 -19.30 -11.50
N LEU A 167 6.04 -18.25 -12.09
CA LEU A 167 5.02 -17.43 -11.43
C LEU A 167 3.69 -18.18 -11.36
N CYS A 168 3.50 -19.17 -12.23
CA CYS A 168 2.35 -20.05 -12.12
C CYS A 168 2.42 -20.80 -10.80
N LEU A 169 3.64 -21.18 -10.39
CA LEU A 169 3.85 -21.95 -9.18
C LEU A 169 3.83 -21.05 -7.95
N TYR A 170 4.15 -19.76 -8.13
CA TYR A 170 3.98 -18.78 -7.07
C TYR A 170 2.52 -18.80 -6.64
N THR A 171 1.61 -18.64 -7.62
CA THR A 171 0.18 -18.58 -7.37
C THR A 171 -0.33 -19.94 -6.89
N ALA A 172 0.04 -21.00 -7.62
CA ALA A 172 -0.53 -22.33 -7.45
C ALA A 172 -0.21 -22.90 -6.06
N CYS A 173 1.00 -22.65 -5.55
CA CYS A 173 1.46 -23.23 -4.31
C CYS A 173 1.26 -22.26 -3.14
N ALA A 174 1.76 -21.03 -3.29
CA ALA A 174 1.82 -20.07 -2.20
C ALA A 174 0.47 -19.37 -2.05
N GLY A 175 -0.07 -18.89 -3.16
CA GLY A 175 -1.31 -18.10 -3.14
C GLY A 175 -1.02 -16.63 -3.44
N ILE A 176 0.06 -16.37 -4.17
CA ILE A 176 0.43 -15.03 -4.55
C ILE A 176 -0.49 -14.57 -5.68
N ARG A 177 -1.20 -13.46 -5.45
CA ARG A 177 -2.16 -12.93 -6.40
C ARG A 177 -1.52 -12.89 -7.79
N PRO A 178 -2.10 -13.59 -8.79
CA PRO A 178 -1.54 -13.63 -10.14
C PRO A 178 -1.47 -12.25 -10.79
N ASP A 179 -2.44 -11.40 -10.48
CA ASP A 179 -2.49 -10.04 -11.01
C ASP A 179 -1.33 -9.19 -10.49
N ARG A 180 -0.66 -9.65 -9.42
CA ARG A 180 0.47 -8.94 -8.86
C ARG A 180 1.80 -9.61 -9.25
N CYS A 181 1.75 -10.54 -10.22
CA CYS A 181 2.94 -11.22 -10.71
C CYS A 181 3.30 -10.69 -12.10
N LEU A 182 4.61 -10.51 -12.34
CA LEU A 182 5.10 -9.95 -13.58
C LEU A 182 6.29 -10.74 -14.08
N PRO A 183 6.15 -11.60 -15.12
CA PRO A 183 7.29 -12.24 -15.76
C PRO A 183 7.98 -11.29 -16.72
N VAL A 184 9.31 -11.17 -16.60
CA VAL A 184 10.07 -10.26 -17.43
C VAL A 184 11.16 -11.02 -18.17
N CYS A 185 11.39 -10.61 -19.43
CA CYS A 185 12.48 -11.15 -20.23
C CYS A 185 13.34 -10.01 -20.76
N ILE A 186 14.65 -10.07 -20.47
CA ILE A 186 15.62 -9.09 -20.93
C ILE A 186 16.32 -9.63 -22.18
N ASP A 187 16.05 -9.02 -23.35
CA ASP A 187 16.67 -9.46 -24.59
C ASP A 187 17.85 -8.57 -24.95
N VAL A 188 19.04 -9.16 -24.98
CA VAL A 188 20.26 -8.44 -25.30
C VAL A 188 20.97 -9.15 -26.45
N GLY A 189 20.22 -9.96 -27.20
CA GLY A 189 20.78 -10.84 -28.21
C GLY A 189 20.91 -12.27 -27.69
N THR A 190 21.56 -13.13 -28.49
CA THR A 190 21.76 -14.52 -28.14
C THR A 190 22.91 -15.08 -28.97
N ASP A 191 23.72 -15.94 -28.34
CA ASP A 191 24.85 -16.58 -29.00
C ASP A 191 24.40 -17.85 -29.72
N ASN A 192 23.15 -18.27 -29.51
CA ASN A 192 22.64 -19.50 -30.11
C ASN A 192 22.41 -19.26 -31.59
N ILE A 193 23.27 -19.88 -32.42
CA ILE A 193 23.31 -19.61 -33.85
C ILE A 193 22.07 -20.22 -34.50
N ALA A 194 21.61 -21.36 -33.96
CA ALA A 194 20.40 -22.01 -34.43
C ALA A 194 19.22 -21.04 -34.44
N LEU A 195 19.14 -20.22 -33.38
CA LEU A 195 18.03 -19.29 -33.22
C LEU A 195 18.18 -18.10 -34.16
N LEU A 196 19.42 -17.61 -34.34
CA LEU A 196 19.67 -16.49 -35.22
C LEU A 196 19.28 -16.83 -36.65
N LYS A 197 19.43 -18.10 -37.03
CA LYS A 197 19.13 -18.55 -38.39
C LYS A 197 17.64 -18.86 -38.54
N ASP A 198 16.94 -19.05 -37.41
CA ASP A 198 15.51 -19.36 -37.41
C ASP A 198 14.74 -18.08 -37.74
N PRO A 199 13.91 -18.08 -38.81
CA PRO A 199 13.12 -16.90 -39.16
C PRO A 199 11.87 -16.67 -38.30
N PHE A 200 11.65 -17.54 -37.31
CA PHE A 200 10.52 -17.38 -36.40
C PHE A 200 11.02 -17.02 -34.99
N TYR A 201 12.31 -16.68 -34.88
CA TYR A 201 12.85 -16.24 -33.59
C TYR A 201 12.17 -14.92 -33.21
N MET A 202 11.88 -14.77 -31.92
CA MET A 202 11.06 -13.67 -31.44
C MET A 202 11.91 -12.61 -30.77
N GLY A 203 13.22 -12.85 -30.65
CA GLY A 203 14.14 -11.88 -30.06
C GLY A 203 14.83 -11.04 -31.14
N LEU A 204 15.93 -10.39 -30.74
CA LEU A 204 16.74 -9.61 -31.67
C LEU A 204 17.76 -10.53 -32.33
N TYR A 205 18.03 -10.26 -33.61
CA TYR A 205 19.04 -10.98 -34.36
C TYR A 205 20.39 -10.30 -34.15
N GLN A 206 21.04 -10.64 -33.02
CA GLN A 206 22.40 -10.24 -32.74
C GLN A 206 22.95 -11.09 -31.61
N LYS A 207 24.28 -11.18 -31.52
CA LYS A 207 24.93 -11.91 -30.45
C LYS A 207 24.77 -11.11 -29.15
N ARG A 208 24.96 -11.80 -28.03
CA ARG A 208 24.75 -11.21 -26.71
C ARG A 208 25.64 -9.99 -26.54
N ASP A 209 25.03 -8.88 -26.09
CA ASP A 209 25.76 -7.70 -25.68
C ASP A 209 26.32 -7.94 -24.28
N ARG A 210 27.64 -7.84 -24.16
CA ARG A 210 28.32 -8.06 -22.88
C ARG A 210 29.16 -6.83 -22.54
N THR A 211 28.79 -5.67 -23.09
CA THR A 211 29.48 -4.43 -22.83
C THR A 211 28.92 -3.83 -21.54
N GLN A 212 29.19 -2.54 -21.32
CA GLN A 212 28.62 -1.81 -20.20
C GLN A 212 27.11 -1.69 -20.38
N GLN A 213 26.66 -1.64 -21.64
CA GLN A 213 25.25 -1.43 -21.96
C GLN A 213 24.36 -2.49 -21.33
N TYR A 214 24.86 -3.73 -21.27
CA TYR A 214 24.13 -4.82 -20.64
C TYR A 214 23.92 -4.48 -19.16
N ASP A 215 25.01 -4.15 -18.46
CA ASP A 215 24.97 -3.84 -17.04
C ASP A 215 24.03 -2.65 -16.79
N ASP A 216 24.12 -1.64 -17.66
CA ASP A 216 23.35 -0.41 -17.55
C ASP A 216 21.86 -0.73 -17.72
N LEU A 217 21.54 -1.64 -18.64
CA LEU A 217 20.16 -2.03 -18.89
C LEU A 217 19.56 -2.67 -17.64
N ILE A 218 20.37 -3.47 -16.94
CA ILE A 218 19.91 -4.16 -15.74
C ILE A 218 19.68 -3.14 -14.63
N ASP A 219 20.61 -2.19 -14.48
CA ASP A 219 20.46 -1.10 -13.51
C ASP A 219 19.15 -0.37 -13.77
N GLU A 220 18.96 0.07 -15.01
CA GLU A 220 17.78 0.84 -15.40
C GLU A 220 16.52 0.01 -15.21
N PHE A 221 16.59 -1.29 -15.55
CA PHE A 221 15.48 -2.21 -15.35
C PHE A 221 15.11 -2.27 -13.88
N MET A 222 16.12 -2.48 -13.02
CA MET A 222 15.90 -2.59 -11.59
C MET A 222 15.28 -1.30 -11.06
N LYS A 223 15.80 -0.16 -11.51
CA LYS A 223 15.31 1.13 -11.08
C LYS A 223 13.87 1.33 -11.55
N ALA A 224 13.62 1.04 -12.83
CA ALA A 224 12.32 1.31 -13.45
C ALA A 224 11.22 0.54 -12.73
N ILE A 225 11.49 -0.75 -12.46
CA ILE A 225 10.53 -1.60 -11.78
C ILE A 225 10.18 -0.98 -10.43
N THR A 226 11.22 -0.62 -9.66
CA THR A 226 11.04 -0.18 -8.29
C THR A 226 10.48 1.25 -8.25
N ASP A 227 10.75 2.04 -9.30
CA ASP A 227 10.19 3.38 -9.41
C ASP A 227 8.66 3.30 -9.48
N ARG A 228 8.14 2.36 -10.28
CA ARG A 228 6.70 2.26 -10.49
C ARG A 228 6.04 1.52 -9.33
N TYR A 229 6.64 0.42 -8.86
CA TYR A 229 5.94 -0.51 -7.99
C TYR A 229 6.48 -0.50 -6.56
N GLY A 230 7.66 0.10 -6.35
CA GLY A 230 8.23 0.22 -5.00
C GLY A 230 9.52 -0.56 -4.85
N ARG A 231 10.30 -0.20 -3.80
CA ARG A 231 11.60 -0.80 -3.54
C ARG A 231 11.45 -2.14 -2.83
N ASN A 232 10.27 -2.39 -2.24
CA ASN A 232 9.99 -3.64 -1.57
C ASN A 232 9.44 -4.68 -2.55
N THR A 233 9.43 -4.36 -3.86
CA THR A 233 8.97 -5.28 -4.88
C THR A 233 9.96 -6.44 -5.01
N LEU A 234 9.44 -7.67 -4.93
CA LEU A 234 10.26 -8.87 -4.99
C LEU A 234 10.71 -9.10 -6.43
N ILE A 235 12.04 -9.19 -6.63
CA ILE A 235 12.59 -9.38 -7.96
C ILE A 235 13.51 -10.60 -7.93
N GLN A 236 13.07 -11.69 -8.58
CA GLN A 236 13.82 -12.93 -8.62
C GLN A 236 14.51 -13.09 -9.97
N PHE A 237 15.84 -13.29 -9.94
CA PHE A 237 16.61 -13.59 -11.12
C PHE A 237 16.62 -15.10 -11.36
N GLU A 238 16.41 -15.52 -12.60
CA GLU A 238 16.32 -16.93 -12.94
C GLU A 238 17.09 -17.19 -14.23
N ASP A 239 17.92 -18.24 -14.21
CA ASP A 239 18.55 -18.78 -15.40
C ASP A 239 19.36 -17.70 -16.11
N PHE A 240 20.14 -16.95 -15.32
CA PHE A 240 21.18 -16.08 -15.85
C PHE A 240 22.46 -16.90 -15.99
N GLY A 241 23.42 -16.36 -16.75
CA GLY A 241 24.76 -16.91 -16.79
C GLY A 241 25.36 -16.95 -15.39
N ASN A 242 26.17 -17.96 -15.11
CA ASN A 242 26.71 -18.18 -13.77
C ASN A 242 27.47 -16.94 -13.31
N HIS A 243 28.29 -16.37 -14.19
CA HIS A 243 29.04 -15.17 -13.87
C HIS A 243 28.09 -14.05 -13.49
N ASN A 244 27.09 -13.80 -14.34
CA ASN A 244 26.13 -12.73 -14.12
C ASN A 244 25.34 -12.99 -12.84
N ALA A 245 24.86 -14.23 -12.68
CA ALA A 245 23.97 -14.60 -11.59
C ALA A 245 24.54 -14.19 -10.24
N PHE A 246 25.83 -14.48 -10.02
CA PHE A 246 26.47 -14.25 -8.73
C PHE A 246 26.71 -12.76 -8.50
N ARG A 247 27.28 -12.09 -9.50
CA ARG A 247 27.71 -10.70 -9.33
C ARG A 247 26.51 -9.77 -9.25
N PHE A 248 25.40 -10.14 -9.91
CA PHE A 248 24.17 -9.35 -9.85
C PHE A 248 23.47 -9.56 -8.51
N LEU A 249 23.54 -10.79 -7.99
CA LEU A 249 23.05 -11.06 -6.65
C LEU A 249 23.81 -10.18 -5.65
N ARG A 250 25.14 -10.07 -5.83
CA ARG A 250 25.98 -9.36 -4.89
C ARG A 250 25.70 -7.86 -4.91
N LYS A 251 25.58 -7.27 -6.10
CA LYS A 251 25.54 -5.82 -6.22
C LYS A 251 24.14 -5.28 -5.92
N TYR A 252 23.11 -6.13 -5.98
CA TYR A 252 21.74 -5.70 -5.76
C TYR A 252 21.17 -6.30 -4.46
N ARG A 253 21.85 -7.32 -3.90
CA ARG A 253 21.33 -8.04 -2.75
C ARG A 253 20.81 -7.04 -1.71
N GLU A 254 21.70 -6.13 -1.29
CA GLU A 254 21.43 -5.21 -0.20
C GLU A 254 20.97 -3.87 -0.77
N LYS A 255 20.18 -3.90 -1.86
CA LYS A 255 19.75 -2.68 -2.50
C LYS A 255 18.31 -2.76 -3.01
N TYR A 256 17.78 -3.97 -3.26
CA TYR A 256 16.56 -4.05 -4.09
C TYR A 256 15.54 -5.10 -3.68
N CYS A 257 15.82 -5.96 -2.68
CA CYS A 257 14.94 -7.09 -2.38
C CYS A 257 14.95 -8.09 -3.52
N THR A 258 16.06 -8.81 -3.66
CA THR A 258 16.27 -9.69 -4.80
C THR A 258 16.89 -10.99 -4.30
N PHE A 259 16.53 -12.10 -4.97
CA PHE A 259 17.17 -13.37 -4.72
C PHE A 259 17.31 -14.12 -6.04
N ASN A 260 18.05 -15.23 -6.00
CA ASN A 260 18.26 -16.09 -7.15
C ASN A 260 17.93 -17.52 -6.72
N ASP A 261 16.91 -18.12 -7.36
CA ASP A 261 16.41 -19.42 -6.92
C ASP A 261 17.42 -20.51 -7.24
N ASP A 262 18.13 -20.34 -8.37
CA ASP A 262 19.06 -21.34 -8.87
C ASP A 262 20.22 -21.51 -7.91
N ILE A 263 20.55 -20.44 -7.17
CA ILE A 263 21.59 -20.47 -6.15
C ILE A 263 20.94 -20.76 -4.80
N GLN A 264 20.11 -19.83 -4.33
CA GLN A 264 19.71 -19.76 -2.93
C GLN A 264 18.59 -20.76 -2.64
N GLY A 265 17.61 -20.84 -3.55
CA GLY A 265 16.53 -21.81 -3.42
C GLY A 265 17.06 -23.24 -3.49
N THR A 266 18.05 -23.45 -4.38
CA THR A 266 18.68 -24.74 -4.56
C THR A 266 19.44 -25.14 -3.29
N ALA A 267 20.19 -24.18 -2.74
CA ALA A 267 20.92 -24.39 -1.50
C ALA A 267 19.96 -24.80 -0.38
N ALA A 268 18.79 -24.16 -0.34
CA ALA A 268 17.82 -24.35 0.73
C ALA A 268 17.29 -25.78 0.74
N VAL A 269 16.93 -26.30 -0.44
CA VAL A 269 16.37 -27.64 -0.54
C VAL A 269 17.46 -28.68 -0.31
N ALA A 270 18.68 -28.40 -0.79
CA ALA A 270 19.82 -29.24 -0.50
C ALA A 270 19.95 -29.43 1.02
N LEU A 271 20.07 -28.31 1.73
CA LEU A 271 20.28 -28.31 3.16
C LEU A 271 19.12 -29.01 3.88
N ALA A 272 17.88 -28.73 3.43
CA ALA A 272 16.70 -29.27 4.07
C ALA A 272 16.71 -30.79 4.07
N GLY A 273 17.35 -31.38 3.05
CA GLY A 273 17.49 -32.83 2.95
C GLY A 273 18.58 -33.34 3.89
N LEU A 274 19.69 -32.59 3.96
CA LEU A 274 20.78 -32.91 4.86
C LEU A 274 20.28 -32.89 6.30
N LEU A 275 19.48 -31.87 6.64
CA LEU A 275 18.90 -31.74 7.97
C LEU A 275 17.91 -32.86 8.26
N ALA A 276 17.19 -33.32 7.23
CA ALA A 276 16.30 -34.46 7.37
C ALA A 276 17.11 -35.72 7.68
N ALA A 277 18.28 -35.84 7.05
CA ALA A 277 19.17 -36.98 7.24
C ALA A 277 19.67 -37.04 8.67
N GLN A 278 19.90 -35.88 9.30
CA GLN A 278 20.51 -35.81 10.61
C GLN A 278 19.51 -36.20 11.71
N LYS A 279 18.23 -36.37 11.35
CA LYS A 279 17.25 -36.95 12.25
C LYS A 279 17.43 -38.46 12.32
N VAL A 280 18.23 -39.01 11.40
CA VAL A 280 18.60 -40.42 11.39
C VAL A 280 20.01 -40.57 11.95
N ILE A 281 20.98 -39.92 11.30
CA ILE A 281 22.37 -39.91 11.75
C ILE A 281 22.61 -38.68 12.62
N SER A 282 22.62 -38.88 13.94
CA SER A 282 22.68 -37.79 14.90
C SER A 282 24.12 -37.38 15.18
N LYS A 283 25.07 -37.84 14.36
CA LYS A 283 26.48 -37.57 14.58
C LYS A 283 26.68 -36.07 14.77
N PRO A 284 27.54 -35.66 15.74
CA PRO A 284 28.01 -34.28 15.82
C PRO A 284 28.47 -33.77 14.47
N ILE A 285 28.13 -32.49 14.19
CA ILE A 285 28.44 -31.87 12.91
C ILE A 285 29.96 -31.83 12.70
N SER A 286 30.75 -31.90 13.77
CA SER A 286 32.20 -31.94 13.67
C SER A 286 32.65 -33.11 12.80
N GLU A 287 31.89 -34.21 12.82
CA GLU A 287 32.30 -35.43 12.13
C GLU A 287 31.94 -35.37 10.65
N HIS A 288 30.78 -34.78 10.32
CA HIS A 288 30.31 -34.71 8.95
C HIS A 288 31.40 -34.17 8.02
N LYS A 289 31.76 -35.00 7.03
CA LYS A 289 32.61 -34.59 5.92
C LYS A 289 31.76 -34.70 4.65
N ILE A 290 31.85 -33.68 3.78
CA ILE A 290 30.95 -33.57 2.64
C ILE A 290 31.76 -33.36 1.37
N LEU A 291 31.34 -34.06 0.30
CA LEU A 291 32.08 -34.10 -0.96
C LEU A 291 31.13 -33.86 -2.12
N PHE A 292 31.39 -32.77 -2.88
CA PHE A 292 30.55 -32.38 -4.00
C PHE A 292 31.17 -32.85 -5.31
N LEU A 293 30.37 -33.53 -6.13
CA LEU A 293 30.72 -33.77 -7.52
C LEU A 293 30.27 -32.56 -8.33
N GLY A 294 31.25 -31.81 -8.84
CA GLY A 294 31.01 -30.56 -9.52
C GLY A 294 31.30 -29.38 -8.58
N ALA A 295 31.67 -28.24 -9.17
CA ALA A 295 31.92 -27.02 -8.43
C ALA A 295 31.23 -25.86 -9.15
N GLY A 296 29.94 -26.06 -9.48
CA GLY A 296 29.15 -25.08 -10.20
C GLY A 296 28.49 -24.09 -9.25
N GLU A 297 27.55 -23.31 -9.79
CA GLU A 297 26.75 -22.40 -8.98
C GLU A 297 25.96 -23.23 -7.95
N ALA A 298 25.48 -24.40 -8.37
CA ALA A 298 24.74 -25.29 -7.50
C ALA A 298 25.59 -25.74 -6.34
N ALA A 299 26.84 -26.15 -6.63
CA ALA A 299 27.76 -26.60 -5.60
C ALA A 299 28.04 -25.46 -4.61
N LEU A 300 28.46 -24.32 -5.16
CA LEU A 300 28.89 -23.19 -4.34
C LEU A 300 27.71 -22.64 -3.55
N GLY A 301 26.56 -22.52 -4.20
CA GLY A 301 25.33 -22.11 -3.54
C GLY A 301 25.04 -22.98 -2.31
N ILE A 302 25.06 -24.31 -2.50
CA ILE A 302 24.76 -25.24 -1.42
C ILE A 302 25.88 -25.17 -0.38
N ALA A 303 27.12 -25.13 -0.84
CA ALA A 303 28.28 -25.15 0.04
C ALA A 303 28.18 -24.06 1.10
N ASN A 304 27.95 -22.81 0.65
CA ASN A 304 27.95 -21.65 1.53
C ASN A 304 26.85 -21.77 2.59
N LEU A 305 25.68 -22.25 2.19
CA LEU A 305 24.55 -22.34 3.09
C LEU A 305 24.80 -23.43 4.14
N ILE A 306 25.51 -24.51 3.76
CA ILE A 306 25.89 -25.54 4.70
C ILE A 306 26.82 -24.95 5.77
N VAL A 307 27.85 -24.23 5.32
CA VAL A 307 28.79 -23.58 6.21
C VAL A 307 28.03 -22.77 7.25
N MET A 308 27.03 -22.01 6.79
CA MET A 308 26.24 -21.14 7.67
C MET A 308 25.40 -21.97 8.65
N SER A 309 24.94 -23.15 8.22
CA SER A 309 24.25 -24.05 9.13
C SER A 309 25.23 -24.58 10.17
N MET A 310 26.42 -24.97 9.71
CA MET A 310 27.46 -25.51 10.58
C MET A 310 27.89 -24.46 11.60
N VAL A 311 27.93 -23.19 11.18
CA VAL A 311 28.32 -22.07 12.03
C VAL A 311 27.30 -21.88 13.14
N GLU A 312 26.01 -21.98 12.81
CA GLU A 312 24.94 -21.80 13.79
C GLU A 312 24.90 -22.97 14.77
N ASN A 313 25.61 -24.06 14.47
CA ASN A 313 25.61 -25.24 15.32
C ASN A 313 26.91 -25.34 16.12
N GLY A 314 27.87 -24.44 15.89
CA GLY A 314 29.02 -24.32 16.78
C GLY A 314 30.33 -24.07 16.02
N LEU A 315 30.46 -24.63 14.82
CA LEU A 315 31.72 -24.62 14.09
C LEU A 315 32.06 -23.22 13.62
N SER A 316 33.36 -22.96 13.42
CA SER A 316 33.82 -21.70 12.85
C SER A 316 33.67 -21.79 11.34
N GLU A 317 33.95 -20.66 10.66
CA GLU A 317 33.88 -20.59 9.21
C GLU A 317 35.03 -21.40 8.60
N GLN A 318 36.25 -21.17 9.10
CA GLN A 318 37.44 -21.81 8.56
C GLN A 318 37.34 -23.33 8.69
N GLU A 319 36.87 -23.79 9.85
CA GLU A 319 36.76 -25.21 10.15
C GLU A 319 35.65 -25.85 9.31
N ALA A 320 34.49 -25.18 9.23
CA ALA A 320 33.34 -25.72 8.50
C ALA A 320 33.65 -25.87 7.02
N GLN A 321 34.50 -24.98 6.49
CA GLN A 321 34.91 -25.01 5.09
C GLN A 321 35.78 -26.24 4.82
N LYS A 322 36.64 -26.60 5.78
CA LYS A 322 37.56 -27.71 5.64
C LYS A 322 36.83 -29.06 5.64
N LYS A 323 35.55 -29.05 6.02
CA LYS A 323 34.73 -30.25 5.99
C LYS A 323 33.99 -30.40 4.66
N ILE A 324 34.29 -29.53 3.70
CA ILE A 324 33.64 -29.54 2.40
C ILE A 324 34.71 -29.60 1.31
N TRP A 325 34.70 -30.70 0.54
CA TRP A 325 35.58 -30.85 -0.61
C TRP A 325 34.74 -30.86 -1.89
N MET A 326 35.39 -30.54 -3.02
CA MET A 326 34.71 -30.47 -4.30
C MET A 326 35.57 -31.16 -5.37
N PHE A 327 34.93 -32.02 -6.17
CA PHE A 327 35.58 -32.68 -7.29
C PHE A 327 34.87 -32.28 -8.58
N ASP A 328 35.52 -31.44 -9.39
CA ASP A 328 34.92 -30.92 -10.62
C ASP A 328 35.52 -31.67 -11.82
N LYS A 329 35.34 -31.09 -13.01
CA LYS A 329 35.67 -31.74 -14.28
C LYS A 329 37.17 -32.02 -14.40
N TYR A 330 38.00 -31.13 -13.82
CA TYR A 330 39.45 -31.25 -13.91
C TYR A 330 40.01 -32.09 -12.76
N GLY A 331 39.19 -32.34 -11.71
CA GLY A 331 39.60 -33.19 -10.60
C GLY A 331 39.22 -32.56 -9.26
N LEU A 332 39.97 -32.93 -8.21
CA LEU A 332 39.73 -32.45 -6.85
C LEU A 332 40.27 -31.04 -6.70
N LEU A 333 39.49 -30.16 -6.05
CA LEU A 333 39.89 -28.78 -5.82
C LEU A 333 40.99 -28.75 -4.76
N VAL A 334 42.24 -28.54 -5.21
CA VAL A 334 43.39 -28.47 -4.32
C VAL A 334 44.22 -27.24 -4.68
N LYS A 335 44.95 -26.72 -3.69
CA LYS A 335 45.78 -25.55 -3.85
C LYS A 335 47.02 -25.93 -4.67
N GLY A 336 47.39 -25.06 -5.61
CA GLY A 336 48.52 -25.30 -6.50
C GLY A 336 48.19 -26.39 -7.52
N ARG A 337 47.04 -26.25 -8.19
CA ARG A 337 46.69 -27.10 -9.32
C ARG A 337 46.69 -26.23 -10.58
N LYS A 338 46.93 -26.85 -11.74
CA LYS A 338 47.07 -26.14 -13.00
C LYS A 338 45.71 -25.66 -13.49
N ALA A 339 44.65 -26.44 -13.19
CA ALA A 339 43.28 -26.05 -13.49
C ALA A 339 42.90 -24.80 -12.70
N LYS A 340 41.97 -24.02 -13.24
CA LYS A 340 41.64 -22.72 -12.69
C LYS A 340 40.86 -22.88 -11.38
N ILE A 341 41.09 -21.94 -10.45
CA ILE A 341 40.34 -21.83 -9.20
C ILE A 341 39.78 -20.41 -9.13
N ASP A 342 38.45 -20.29 -9.16
CA ASP A 342 37.81 -18.97 -9.10
C ASP A 342 37.67 -18.55 -7.65
N SER A 343 37.24 -17.30 -7.44
CA SER A 343 37.18 -16.68 -6.12
C SER A 343 36.23 -17.43 -5.20
N TYR A 344 35.11 -17.92 -5.75
CA TYR A 344 34.08 -18.58 -4.95
C TYR A 344 34.50 -19.99 -4.57
N GLN A 345 35.46 -20.56 -5.31
CA GLN A 345 35.95 -21.91 -5.07
C GLN A 345 37.10 -21.90 -4.06
N GLU A 346 37.77 -20.75 -3.91
CA GLU A 346 38.95 -20.64 -3.05
C GLU A 346 38.67 -21.18 -1.66
N PRO A 347 37.56 -20.79 -0.98
CA PRO A 347 37.27 -21.28 0.37
C PRO A 347 37.13 -22.80 0.52
N PHE A 348 36.84 -23.50 -0.59
CA PHE A 348 36.66 -24.94 -0.55
C PHE A 348 37.82 -25.66 -1.23
N THR A 349 38.67 -24.90 -1.94
CA THR A 349 39.97 -25.38 -2.39
C THR A 349 40.88 -25.53 -1.16
N HIS A 350 41.24 -26.77 -0.83
CA HIS A 350 41.87 -27.09 0.44
C HIS A 350 43.31 -27.54 0.24
N SER A 351 44.03 -27.67 1.36
CA SER A 351 45.38 -28.19 1.38
C SER A 351 45.38 -29.64 0.87
N ALA A 352 46.21 -29.92 -0.14
CA ALA A 352 46.19 -31.20 -0.83
C ALA A 352 46.53 -32.35 0.11
N PRO A 353 45.91 -33.54 -0.05
CA PRO A 353 46.32 -34.72 0.71
C PRO A 353 47.61 -35.30 0.16
N GLU A 354 48.02 -36.47 0.69
CA GLU A 354 49.22 -37.16 0.26
C GLU A 354 48.98 -37.73 -1.14
N SER A 355 47.89 -38.49 -1.28
CA SER A 355 47.43 -38.97 -2.58
C SER A 355 46.35 -38.02 -3.11
N ILE A 356 46.54 -37.56 -4.36
CA ILE A 356 45.62 -36.62 -5.00
C ILE A 356 44.82 -37.36 -6.07
N PRO A 357 43.55 -37.77 -5.78
CA PRO A 357 42.76 -38.57 -6.72
C PRO A 357 42.64 -37.99 -8.12
N ASP A 358 42.50 -38.89 -9.11
CA ASP A 358 42.14 -38.50 -10.47
C ASP A 358 40.80 -39.15 -10.84
N THR A 359 40.10 -39.70 -9.84
CA THR A 359 38.79 -40.30 -10.03
C THR A 359 37.93 -39.92 -8.83
N PHE A 360 36.61 -39.92 -9.01
CA PHE A 360 35.70 -39.53 -7.94
C PHE A 360 35.62 -40.67 -6.92
N GLU A 361 35.62 -41.92 -7.40
CA GLU A 361 35.67 -43.09 -6.55
C GLU A 361 36.95 -43.09 -5.71
N ASP A 362 38.05 -42.62 -6.30
CA ASP A 362 39.33 -42.53 -5.62
C ASP A 362 39.25 -41.54 -4.46
N ALA A 363 38.52 -40.44 -4.67
CA ALA A 363 38.38 -39.39 -3.68
C ALA A 363 37.56 -39.88 -2.48
N VAL A 364 36.48 -40.62 -2.74
CA VAL A 364 35.58 -41.08 -1.69
C VAL A 364 36.32 -42.01 -0.73
N ASN A 365 37.26 -42.82 -1.25
CA ASN A 365 38.00 -43.75 -0.42
C ASN A 365 39.07 -43.02 0.39
N ILE A 366 39.60 -41.92 -0.16
CA ILE A 366 40.67 -41.19 0.47
C ILE A 366 40.11 -40.23 1.54
N LEU A 367 39.03 -39.52 1.21
CA LEU A 367 38.55 -38.44 2.05
C LEU A 367 37.54 -38.93 3.09
N LYS A 368 36.94 -40.11 2.86
CA LYS A 368 36.04 -40.73 3.81
C LYS A 368 34.81 -39.87 4.09
N PRO A 369 34.17 -39.25 3.07
CA PRO A 369 32.99 -38.41 3.31
C PRO A 369 31.81 -39.22 3.85
N SER A 370 30.91 -38.54 4.57
CA SER A 370 29.65 -39.15 5.00
C SER A 370 28.54 -38.77 4.02
N THR A 371 28.80 -37.78 3.16
CA THR A 371 27.81 -37.28 2.22
C THR A 371 28.48 -36.99 0.88
N ILE A 372 27.88 -37.51 -0.20
CA ILE A 372 28.24 -37.10 -1.55
C ILE A 372 27.02 -36.46 -2.19
N ILE A 373 27.25 -35.34 -2.89
CA ILE A 373 26.20 -34.61 -3.56
C ILE A 373 26.63 -34.40 -5.01
N GLY A 374 25.79 -34.87 -5.94
CA GLY A 374 26.08 -34.80 -7.36
C GLY A 374 25.41 -33.59 -8.00
N VAL A 375 26.24 -32.65 -8.48
CA VAL A 375 25.76 -31.51 -9.25
C VAL A 375 26.77 -31.21 -10.34
N ALA A 376 27.02 -32.21 -11.18
CA ALA A 376 27.89 -32.08 -12.35
C ALA A 376 27.06 -31.90 -13.61
N GLY A 377 25.91 -32.60 -13.68
CA GLY A 377 25.06 -32.59 -14.86
C GLY A 377 25.74 -33.31 -16.02
N ALA A 378 26.49 -34.37 -15.71
CA ALA A 378 27.36 -35.03 -16.68
C ALA A 378 27.16 -36.55 -16.63
N GLY A 379 25.92 -36.98 -16.39
CA GLY A 379 25.56 -38.39 -16.47
C GLY A 379 25.92 -39.16 -15.21
N ARG A 380 25.99 -40.50 -15.35
CA ARG A 380 26.07 -41.42 -14.23
C ARG A 380 27.52 -41.56 -13.76
N LEU A 381 27.97 -40.63 -12.91
CA LEU A 381 29.36 -40.60 -12.46
C LEU A 381 29.49 -41.15 -11.04
N PHE A 382 28.36 -41.37 -10.35
CA PHE A 382 28.36 -42.12 -9.11
C PHE A 382 28.32 -43.61 -9.45
N THR A 383 29.50 -44.14 -9.83
CA THR A 383 29.62 -45.49 -10.35
C THR A 383 29.12 -46.47 -9.29
N PRO A 384 28.71 -47.70 -9.67
CA PRO A 384 28.29 -48.69 -8.68
C PRO A 384 29.29 -48.90 -7.54
N ASP A 385 30.58 -48.71 -7.83
CA ASP A 385 31.64 -48.90 -6.85
C ASP A 385 31.77 -47.68 -5.95
N VAL A 386 31.44 -46.49 -6.47
CA VAL A 386 31.34 -45.28 -5.65
C VAL A 386 30.26 -45.52 -4.58
N ILE A 387 29.09 -46.01 -5.02
CA ILE A 387 27.97 -46.28 -4.13
C ILE A 387 28.42 -47.24 -3.03
N ARG A 388 29.28 -48.21 -3.37
CA ARG A 388 29.69 -49.24 -2.43
C ARG A 388 30.71 -48.68 -1.43
N ALA A 389 31.72 -47.95 -1.95
CA ALA A 389 32.73 -47.33 -1.12
C ALA A 389 32.08 -46.51 0.00
N MET A 390 30.97 -45.85 -0.33
CA MET A 390 30.21 -45.06 0.64
C MET A 390 29.54 -45.96 1.68
N ALA A 391 29.04 -47.13 1.25
CA ALA A 391 28.34 -48.05 2.14
C ALA A 391 29.32 -48.73 3.10
N SER A 392 30.58 -48.87 2.69
CA SER A 392 31.60 -49.48 3.51
C SER A 392 32.08 -48.48 4.57
N ILE A 393 32.12 -47.20 4.20
CA ILE A 393 32.66 -46.15 5.05
C ILE A 393 31.61 -45.71 6.09
N ASN A 394 30.36 -45.56 5.66
CA ASN A 394 29.30 -45.05 6.51
C ASN A 394 28.25 -46.14 6.70
N GLU A 395 27.61 -46.16 7.88
CA GLU A 395 26.55 -47.11 8.16
C GLU A 395 25.28 -46.69 7.43
N ARG A 396 25.05 -45.38 7.32
CA ARG A 396 23.96 -44.86 6.50
C ARG A 396 24.52 -43.69 5.70
N PRO A 397 25.08 -43.95 4.49
CA PRO A 397 25.66 -42.89 3.67
C PRO A 397 24.58 -42.02 3.03
N VAL A 398 24.85 -40.71 2.99
CA VAL A 398 23.94 -39.74 2.39
C VAL A 398 24.41 -39.48 0.97
N ILE A 399 23.59 -39.93 0.01
CA ILE A 399 23.90 -39.76 -1.41
C ILE A 399 22.82 -38.88 -2.02
N PHE A 400 23.24 -37.72 -2.54
CA PHE A 400 22.35 -36.76 -3.18
C PHE A 400 22.72 -36.64 -4.66
N ALA A 401 21.84 -37.18 -5.52
CA ALA A 401 22.02 -37.09 -6.96
C ALA A 401 21.03 -36.07 -7.53
N LEU A 402 21.48 -34.82 -7.65
CA LEU A 402 20.57 -33.70 -7.85
C LEU A 402 20.44 -33.31 -9.31
N SER A 403 21.38 -33.76 -10.17
CA SER A 403 21.44 -33.32 -11.56
C SER A 403 20.15 -33.70 -12.30
N ASN A 404 19.78 -32.85 -13.28
CA ASN A 404 18.54 -32.97 -14.03
C ASN A 404 18.80 -32.75 -15.52
N PRO A 405 18.04 -33.38 -16.44
CA PRO A 405 16.99 -34.35 -16.09
C PRO A 405 17.53 -35.75 -15.80
N THR A 406 16.62 -36.71 -15.58
CA THR A 406 16.95 -38.05 -15.12
C THR A 406 18.22 -38.58 -15.81
N ALA A 407 18.35 -38.33 -17.12
CA ALA A 407 19.46 -38.87 -17.89
C ALA A 407 20.80 -38.32 -17.41
N GLN A 408 20.80 -37.12 -16.81
CA GLN A 408 22.03 -36.50 -16.33
C GLN A 408 22.31 -36.85 -14.87
N ALA A 409 21.33 -37.46 -14.19
CA ALA A 409 21.50 -37.86 -12.79
C ALA A 409 22.77 -38.68 -12.65
N GLU A 410 23.37 -38.63 -11.46
CA GLU A 410 24.64 -39.30 -11.18
C GLU A 410 24.38 -40.77 -10.84
N CYS A 411 23.20 -41.07 -10.29
CA CYS A 411 22.79 -42.44 -10.10
C CYS A 411 21.27 -42.50 -9.93
N THR A 412 20.76 -43.73 -9.76
CA THR A 412 19.33 -43.99 -9.72
C THR A 412 18.98 -44.44 -8.30
N ALA A 413 17.69 -44.35 -7.96
CA ALA A 413 17.19 -44.92 -6.71
C ALA A 413 17.55 -46.41 -6.67
N GLU A 414 17.12 -47.13 -7.72
CA GLU A 414 17.45 -48.55 -7.90
C GLU A 414 18.92 -48.79 -7.60
N GLU A 415 19.78 -48.04 -8.30
CA GLU A 415 21.22 -48.23 -8.23
C GLU A 415 21.74 -47.94 -6.83
N ALA A 416 21.12 -46.96 -6.13
CA ALA A 416 21.60 -46.52 -4.84
C ALA A 416 21.20 -47.51 -3.74
N TYR A 417 19.89 -47.73 -3.59
CA TYR A 417 19.35 -48.47 -2.47
C TYR A 417 19.82 -49.93 -2.45
N THR A 418 19.95 -50.55 -3.62
CA THR A 418 20.26 -51.98 -3.69
C THR A 418 21.76 -52.20 -3.48
N LEU A 419 22.60 -51.25 -3.91
CA LEU A 419 24.04 -51.38 -3.77
C LEU A 419 24.50 -51.01 -2.36
N THR A 420 23.57 -50.68 -1.46
CA THR A 420 23.88 -50.40 -0.06
C THR A 420 22.92 -51.15 0.86
N GLU A 421 22.27 -52.21 0.36
CA GLU A 421 21.43 -53.09 1.16
C GLU A 421 20.33 -52.30 1.87
N GLY A 422 19.91 -51.17 1.27
CA GLY A 422 18.82 -50.36 1.79
C GLY A 422 19.19 -49.61 3.07
N ARG A 423 20.49 -49.30 3.23
CA ARG A 423 20.98 -48.59 4.40
C ARG A 423 21.01 -47.09 4.10
N CYS A 424 21.41 -46.72 2.87
CA CYS A 424 21.70 -45.34 2.52
C CYS A 424 20.45 -44.46 2.61
N LEU A 425 20.71 -43.15 2.68
CA LEU A 425 19.69 -42.11 2.62
C LEU A 425 19.88 -41.34 1.31
N PHE A 426 18.86 -41.42 0.44
CA PHE A 426 18.98 -40.95 -0.94
C PHE A 426 17.93 -39.88 -1.23
N ALA A 427 18.32 -38.92 -2.06
CA ALA A 427 17.42 -37.93 -2.62
C ALA A 427 17.91 -37.53 -4.00
N SER A 428 16.98 -37.10 -4.85
CA SER A 428 17.27 -36.86 -6.25
C SER A 428 16.69 -35.51 -6.70
N GLY A 429 17.24 -34.99 -7.80
CA GLY A 429 16.62 -33.88 -8.50
C GLY A 429 15.38 -34.33 -9.27
N SER A 430 15.52 -35.46 -9.97
CA SER A 430 14.46 -36.00 -10.81
C SER A 430 13.67 -37.06 -10.04
N PRO A 431 12.36 -37.25 -10.34
CA PRO A 431 11.53 -38.19 -9.60
C PRO A 431 11.78 -39.66 -9.93
N PHE A 432 12.15 -40.44 -8.90
CA PHE A 432 12.27 -41.88 -9.03
C PHE A 432 11.15 -42.53 -8.22
N GLY A 433 10.65 -43.66 -8.71
CA GLY A 433 9.53 -44.36 -8.09
C GLY A 433 10.00 -45.22 -6.91
N PRO A 434 9.07 -45.66 -6.04
CA PRO A 434 9.42 -46.54 -4.92
C PRO A 434 10.30 -47.70 -5.37
N VAL A 435 11.44 -47.87 -4.69
CA VAL A 435 12.32 -49.01 -4.91
C VAL A 435 11.83 -50.16 -4.03
N LYS A 436 11.95 -51.38 -4.56
CA LYS A 436 11.58 -52.59 -3.85
C LYS A 436 12.82 -53.49 -3.78
N LEU A 437 13.10 -54.03 -2.59
CA LEU A 437 14.25 -54.91 -2.40
C LEU A 437 13.77 -56.34 -2.13
N THR A 438 14.71 -57.28 -2.25
CA THR A 438 14.40 -58.70 -2.37
C THR A 438 13.91 -59.27 -1.04
N ASP A 439 13.93 -58.47 0.03
CA ASP A 439 13.46 -58.92 1.35
C ASP A 439 12.06 -58.38 1.63
N GLY A 440 11.40 -57.80 0.61
CA GLY A 440 10.06 -57.27 0.76
C GLY A 440 10.03 -56.05 1.67
N ARG A 441 10.80 -55.03 1.28
CA ARG A 441 10.97 -53.83 2.08
C ARG A 441 11.00 -52.63 1.13
N VAL A 442 10.11 -51.66 1.40
CA VAL A 442 9.84 -50.58 0.46
C VAL A 442 10.68 -49.36 0.86
N PHE A 443 11.23 -48.66 -0.14
CA PHE A 443 11.94 -47.42 0.09
C PHE A 443 11.47 -46.38 -0.93
N THR A 444 10.82 -45.33 -0.42
CA THR A 444 10.22 -44.28 -1.24
C THR A 444 11.14 -43.05 -1.21
N PRO A 445 11.92 -42.79 -2.28
CA PRO A 445 12.88 -41.67 -2.27
C PRO A 445 12.19 -40.31 -2.43
N GLY A 446 12.81 -39.29 -1.83
CA GLY A 446 12.31 -37.93 -1.94
C GLY A 446 12.91 -37.23 -3.15
N GLN A 447 12.34 -36.06 -3.48
CA GLN A 447 12.80 -35.24 -4.58
C GLN A 447 13.25 -33.89 -4.02
N GLY A 448 14.46 -33.45 -4.42
CA GLY A 448 15.00 -32.17 -4.00
C GLY A 448 14.56 -31.05 -4.93
N ASN A 449 13.26 -30.76 -4.92
CA ASN A 449 12.64 -29.84 -5.86
C ASN A 449 12.64 -28.44 -5.24
N ASN A 450 13.04 -27.43 -6.02
CA ASN A 450 13.17 -26.06 -5.53
C ASN A 450 11.80 -25.48 -5.17
N VAL A 451 10.70 -26.09 -5.64
CA VAL A 451 9.36 -25.57 -5.42
C VAL A 451 8.97 -25.68 -3.94
N TYR A 452 9.73 -26.45 -3.15
CA TYR A 452 9.47 -26.56 -1.72
C TYR A 452 9.75 -25.23 -1.01
N ILE A 453 10.67 -24.43 -1.57
CA ILE A 453 11.20 -23.28 -0.87
C ILE A 453 10.58 -21.99 -1.41
N PHE A 454 10.83 -21.69 -2.69
CA PHE A 454 10.72 -20.32 -3.19
C PHE A 454 9.29 -19.79 -3.01
N PRO A 455 8.20 -20.59 -3.21
CA PRO A 455 6.85 -20.05 -3.03
C PRO A 455 6.62 -19.51 -1.62
N GLY A 456 6.85 -20.38 -0.62
CA GLY A 456 6.67 -20.02 0.79
C GLY A 456 7.50 -18.81 1.18
N VAL A 457 8.78 -18.80 0.78
CA VAL A 457 9.67 -17.69 1.06
C VAL A 457 9.13 -16.42 0.42
N ALA A 458 8.76 -16.52 -0.87
CA ALA A 458 8.29 -15.38 -1.64
C ALA A 458 7.06 -14.76 -0.99
N LEU A 459 6.11 -15.61 -0.56
CA LEU A 459 4.89 -15.12 0.08
C LEU A 459 5.23 -14.35 1.35
N ALA A 460 6.14 -14.90 2.16
CA ALA A 460 6.52 -14.30 3.43
C ALA A 460 7.19 -12.95 3.20
N VAL A 461 8.16 -12.91 2.28
CA VAL A 461 8.88 -11.68 1.98
C VAL A 461 7.90 -10.59 1.55
N ILE A 462 6.91 -10.96 0.74
CA ILE A 462 5.94 -10.01 0.21
C ILE A 462 5.01 -9.55 1.33
N LEU A 463 4.55 -10.49 2.18
CA LEU A 463 3.56 -10.19 3.20
C LEU A 463 4.17 -9.37 4.33
N CYS A 464 5.51 -9.36 4.46
CA CYS A 464 6.19 -8.68 5.54
C CYS A 464 6.83 -7.38 5.07
N ASN A 465 6.61 -7.02 3.79
CA ASN A 465 7.20 -5.84 3.19
C ASN A 465 8.71 -5.82 3.44
N THR A 466 9.33 -7.00 3.41
CA THR A 466 10.77 -7.14 3.57
C THR A 466 11.44 -6.50 2.38
N ARG A 467 12.61 -5.89 2.62
CA ARG A 467 13.25 -5.03 1.64
C ARG A 467 14.57 -5.66 1.17
N HIS A 468 15.15 -6.55 1.98
CA HIS A 468 16.33 -7.30 1.60
C HIS A 468 16.20 -8.73 2.12
N ILE A 469 16.66 -9.70 1.32
CA ILE A 469 16.58 -11.11 1.69
C ILE A 469 17.99 -11.61 1.96
N SER A 470 18.29 -11.86 3.24
CA SER A 470 19.59 -12.36 3.66
C SER A 470 19.64 -13.88 3.51
N ASP A 471 20.86 -14.41 3.41
CA ASP A 471 21.07 -15.84 3.23
C ASP A 471 20.43 -16.64 4.36
N SER A 472 20.36 -16.03 5.56
CA SER A 472 19.84 -16.70 6.74
C SER A 472 18.31 -16.86 6.65
N VAL A 473 17.66 -16.20 5.68
CA VAL A 473 16.25 -16.41 5.42
C VAL A 473 16.04 -17.80 4.83
N PHE A 474 16.93 -18.17 3.90
CA PHE A 474 16.85 -19.47 3.23
C PHE A 474 17.28 -20.58 4.18
N LEU A 475 18.16 -20.23 5.13
CA LEU A 475 18.55 -21.15 6.19
C LEU A 475 17.33 -21.44 7.07
N GLU A 476 16.51 -20.42 7.32
CA GLU A 476 15.32 -20.58 8.13
C GLU A 476 14.25 -21.34 7.35
N ALA A 477 14.22 -21.13 6.02
CA ALA A 477 13.29 -21.85 5.17
C ALA A 477 13.63 -23.34 5.18
N ALA A 478 14.93 -23.64 5.13
CA ALA A 478 15.41 -25.02 5.15
C ALA A 478 14.90 -25.74 6.41
N LYS A 479 15.20 -25.17 7.58
CA LYS A 479 14.78 -25.75 8.85
C LYS A 479 13.26 -25.92 8.87
N ALA A 480 12.56 -24.98 8.24
CA ALA A 480 11.11 -24.96 8.22
C ALA A 480 10.57 -26.14 7.42
N LEU A 481 11.17 -26.39 6.25
CA LEU A 481 10.76 -27.47 5.37
C LEU A 481 10.95 -28.81 6.08
N THR A 482 12.11 -28.98 6.72
CA THR A 482 12.49 -30.24 7.34
C THR A 482 11.58 -30.54 8.53
N SER A 483 11.07 -29.49 9.18
CA SER A 483 10.24 -29.62 10.37
C SER A 483 8.82 -30.07 10.03
N GLN A 484 8.58 -30.51 8.78
CA GLN A 484 7.27 -30.98 8.36
C GLN A 484 7.31 -32.45 7.91
N LEU A 485 8.46 -33.11 8.09
CA LEU A 485 8.53 -34.56 7.97
C LEU A 485 7.89 -35.18 9.22
N THR A 486 6.88 -36.02 9.01
CA THR A 486 6.42 -36.91 10.07
C THR A 486 7.41 -38.08 10.15
N ASP A 487 7.28 -38.87 11.22
CA ASP A 487 8.20 -39.97 11.46
C ASP A 487 8.02 -41.04 10.39
N GLU A 488 6.75 -41.36 10.07
CA GLU A 488 6.40 -42.30 9.02
C GLU A 488 7.19 -41.99 7.75
N GLU A 489 7.15 -40.73 7.33
CA GLU A 489 7.72 -40.31 6.06
C GLU A 489 9.23 -40.51 6.08
N LEU A 490 9.84 -40.33 7.27
CA LEU A 490 11.26 -40.57 7.44
C LEU A 490 11.53 -42.08 7.40
N ALA A 491 10.66 -42.87 8.04
CA ALA A 491 10.80 -44.33 8.03
C ALA A 491 10.78 -44.86 6.59
N GLN A 492 9.85 -44.33 5.78
CA GLN A 492 9.69 -44.75 4.39
C GLN A 492 10.93 -44.41 3.55
N GLY A 493 11.75 -43.47 4.03
CA GLY A 493 13.01 -43.13 3.38
C GLY A 493 12.94 -41.80 2.63
N ARG A 494 11.94 -40.98 2.97
CA ARG A 494 11.76 -39.66 2.38
C ARG A 494 12.53 -38.63 3.20
N LEU A 495 13.26 -37.74 2.51
CA LEU A 495 13.96 -36.63 3.16
C LEU A 495 13.21 -35.32 2.90
N TYR A 496 12.04 -35.41 2.24
CA TYR A 496 11.19 -34.25 1.98
C TYR A 496 9.73 -34.72 2.07
N PRO A 497 8.79 -33.83 2.49
CA PRO A 497 7.38 -34.20 2.50
C PRO A 497 6.89 -34.44 1.08
N PRO A 498 5.79 -35.18 0.87
CA PRO A 498 5.25 -35.41 -0.48
C PRO A 498 5.01 -34.10 -1.24
N LEU A 499 5.27 -34.12 -2.56
CA LEU A 499 4.94 -32.99 -3.43
C LEU A 499 3.42 -32.81 -3.47
N ALA A 500 2.67 -33.88 -3.19
CA ALA A 500 1.22 -33.83 -3.20
C ALA A 500 0.70 -32.70 -2.31
N ASN A 501 1.35 -32.51 -1.15
CA ASN A 501 0.89 -31.56 -0.16
C ASN A 501 1.81 -30.32 -0.16
N ILE A 502 2.14 -29.82 -1.37
CA ILE A 502 3.04 -28.69 -1.53
C ILE A 502 2.34 -27.41 -1.08
N GLN A 503 1.04 -27.29 -1.37
CA GLN A 503 0.27 -26.11 -1.00
C GLN A 503 0.38 -25.88 0.51
N GLU A 504 0.05 -26.91 1.29
CA GLU A 504 0.11 -26.83 2.74
C GLU A 504 1.54 -26.57 3.21
N VAL A 505 2.50 -27.25 2.58
CA VAL A 505 3.91 -27.14 2.95
C VAL A 505 4.41 -25.73 2.65
N SER A 506 3.98 -25.14 1.53
CA SER A 506 4.38 -23.80 1.16
C SER A 506 3.91 -22.76 2.19
N ILE A 507 2.65 -22.88 2.64
CA ILE A 507 2.07 -21.95 3.59
C ILE A 507 2.84 -22.00 4.91
N ASN A 508 3.00 -23.20 5.47
CA ASN A 508 3.66 -23.37 6.76
C ASN A 508 5.07 -22.77 6.72
N ILE A 509 5.74 -22.85 5.56
CA ILE A 509 7.04 -22.24 5.36
C ILE A 509 6.91 -20.71 5.42
N ALA A 510 5.90 -20.17 4.71
CA ALA A 510 5.66 -18.74 4.68
C ALA A 510 5.42 -18.22 6.10
N ILE A 511 4.70 -19.00 6.91
CA ILE A 511 4.39 -18.65 8.28
C ILE A 511 5.68 -18.58 9.10
N LYS A 512 6.47 -19.65 9.05
CA LYS A 512 7.68 -19.74 9.87
C LYS A 512 8.71 -18.70 9.42
N VAL A 513 8.66 -18.30 8.15
CA VAL A 513 9.58 -17.30 7.63
C VAL A 513 9.09 -15.90 8.00
N THR A 514 7.77 -15.72 8.11
CA THR A 514 7.20 -14.45 8.55
C THR A 514 7.63 -14.18 9.99
N GLU A 515 7.50 -15.20 10.84
CA GLU A 515 7.89 -15.12 12.24
C GLU A 515 9.35 -14.72 12.35
N TYR A 516 10.22 -15.36 11.56
CA TYR A 516 11.63 -15.07 11.58
C TYR A 516 11.90 -13.64 11.11
N LEU A 517 11.13 -13.18 10.12
CA LEU A 517 11.35 -11.87 9.52
C LEU A 517 11.04 -10.76 10.53
N TYR A 518 9.99 -10.96 11.35
CA TYR A 518 9.62 -10.01 12.38
C TYR A 518 10.60 -10.09 13.55
N ALA A 519 11.01 -11.32 13.90
CA ALA A 519 11.86 -11.56 15.05
C ALA A 519 13.25 -10.96 14.85
N ASN A 520 13.67 -10.78 13.60
CA ASN A 520 15.00 -10.27 13.31
C ASN A 520 14.91 -8.92 12.58
N LYS A 521 13.76 -8.25 12.71
CA LYS A 521 13.59 -6.87 12.25
C LYS A 521 13.91 -6.74 10.77
N MET A 522 13.30 -7.61 9.95
CA MET A 522 13.39 -7.54 8.50
C MET A 522 12.02 -7.26 7.89
N ALA A 523 10.97 -7.19 8.73
CA ALA A 523 9.62 -6.88 8.29
C ALA A 523 9.33 -5.40 8.50
N PHE A 524 8.72 -4.76 7.50
CA PHE A 524 8.32 -3.35 7.60
C PHE A 524 6.81 -3.21 7.52
N ARG A 525 6.09 -4.33 7.70
CA ARG A 525 4.64 -4.31 7.68
C ARG A 525 4.16 -4.27 9.12
N TYR A 526 3.79 -3.06 9.56
CA TYR A 526 3.22 -2.85 10.88
C TYR A 526 1.85 -2.21 10.71
N PRO A 527 0.89 -2.41 11.65
CA PRO A 527 1.15 -3.15 12.89
C PRO A 527 1.47 -4.63 12.71
N GLU A 528 2.31 -5.15 13.60
CA GLU A 528 2.73 -6.55 13.57
C GLU A 528 1.56 -7.44 13.98
N PRO A 529 1.25 -8.51 13.21
CA PRO A 529 0.22 -9.47 13.62
C PRO A 529 0.73 -10.33 14.78
N GLU A 530 -0.18 -10.72 15.67
CA GLU A 530 0.17 -11.54 16.82
C GLU A 530 0.24 -13.01 16.39
N ASP A 531 -0.78 -13.45 15.64
CA ASP A 531 -0.84 -14.79 15.09
C ASP A 531 -0.43 -14.77 13.62
N LYS A 532 0.80 -15.21 13.34
CA LYS A 532 1.34 -15.16 11.99
C LYS A 532 0.62 -16.14 11.07
N ALA A 533 0.11 -17.25 11.63
CA ALA A 533 -0.55 -18.27 10.84
C ALA A 533 -1.83 -17.71 10.21
N LYS A 534 -2.68 -17.11 11.05
CA LYS A 534 -3.92 -16.48 10.61
C LYS A 534 -3.61 -15.40 9.57
N TYR A 535 -2.57 -14.59 9.84
CA TYR A 535 -2.20 -13.48 8.97
C TYR A 535 -1.90 -13.97 7.56
N VAL A 536 -1.22 -15.12 7.45
CA VAL A 536 -0.79 -15.64 6.16
C VAL A 536 -1.96 -16.32 5.45
N LYS A 537 -2.65 -17.22 6.16
CA LYS A 537 -3.75 -17.97 5.56
C LYS A 537 -4.80 -17.02 4.98
N GLU A 538 -5.07 -15.91 5.69
CA GLU A 538 -6.10 -14.96 5.31
C GLU A 538 -5.78 -14.31 3.96
N ARG A 539 -4.49 -14.12 3.67
CA ARG A 539 -4.07 -13.28 2.57
C ARG A 539 -3.66 -14.09 1.35
N THR A 540 -3.88 -15.42 1.37
CA THR A 540 -3.56 -16.25 0.22
C THR A 540 -4.71 -16.18 -0.78
N TRP A 541 -4.34 -16.14 -2.07
CA TRP A 541 -5.32 -15.97 -3.13
C TRP A 541 -6.03 -17.28 -3.40
N ARG A 542 -7.35 -17.20 -3.53
CA ARG A 542 -8.20 -18.37 -3.71
C ARG A 542 -8.63 -18.44 -5.17
N SER A 543 -8.90 -19.66 -5.65
CA SER A 543 -9.27 -19.88 -7.05
C SER A 543 -10.78 -20.04 -7.19
N GLU A 544 -11.52 -19.99 -6.07
CA GLU A 544 -12.97 -20.04 -6.13
C GLU A 544 -13.46 -18.82 -6.91
N TYR A 545 -14.47 -19.03 -7.77
CA TYR A 545 -15.12 -17.92 -8.45
C TYR A 545 -15.80 -17.05 -7.41
N ASP A 546 -15.67 -15.73 -7.59
CA ASP A 546 -16.46 -14.76 -6.83
C ASP A 546 -17.74 -14.47 -7.60
N SER A 547 -18.79 -14.10 -6.87
CA SER A 547 -20.01 -13.60 -7.47
C SER A 547 -19.72 -12.28 -8.16
N LEU A 548 -20.34 -12.06 -9.32
CA LEU A 548 -20.26 -10.80 -10.03
C LEU A 548 -21.66 -10.20 -10.15
N LEU A 549 -22.56 -10.66 -9.27
CA LEU A 549 -23.95 -10.24 -9.28
C LEU A 549 -24.08 -8.89 -8.59
N PRO A 550 -24.58 -7.83 -9.28
CA PRO A 550 -24.90 -6.56 -8.62
C PRO A 550 -25.96 -6.77 -7.55
N ASP A 551 -25.87 -6.01 -6.46
CA ASP A 551 -26.76 -6.20 -5.32
C ASP A 551 -28.11 -5.53 -5.61
N VAL A 552 -29.14 -6.35 -5.79
CA VAL A 552 -30.51 -5.87 -5.97
C VAL A 552 -31.30 -6.13 -4.69
N TYR A 553 -32.10 -5.15 -4.28
CA TYR A 553 -32.91 -5.25 -3.08
C TYR A 553 -34.03 -4.21 -3.13
N GLU A 554 -35.04 -4.43 -2.29
CA GLU A 554 -36.17 -3.51 -2.13
C GLU A 554 -35.76 -2.38 -1.19
N TRP A 555 -36.43 -1.23 -1.34
CA TRP A 555 -36.27 -0.12 -0.41
C TRP A 555 -37.42 -0.10 0.59
N PRO A 556 -37.18 -0.48 1.87
CA PRO A 556 -38.25 -0.60 2.85
C PRO A 556 -38.68 0.75 3.41
N LYS B 5 -5.15 4.99 -20.59
CA LYS B 5 -6.16 3.89 -20.54
C LYS B 5 -7.14 4.03 -21.71
N GLU B 6 -7.59 5.25 -21.98
CA GLU B 6 -8.58 5.52 -23.02
C GLU B 6 -8.04 6.48 -24.07
N LYS B 7 -8.73 6.56 -25.21
CA LYS B 7 -8.39 7.49 -26.28
C LYS B 7 -9.69 8.02 -26.90
N GLY B 8 -9.61 9.19 -27.54
CA GLY B 8 -10.76 9.83 -28.16
C GLY B 8 -11.57 10.66 -27.17
N LYS B 9 -12.86 10.81 -27.45
CA LYS B 9 -13.75 11.70 -26.72
C LYS B 9 -13.74 11.40 -25.22
N PRO B 10 -13.68 10.12 -24.78
CA PRO B 10 -13.55 9.80 -23.35
C PRO B 10 -12.48 10.54 -22.55
N LEU B 11 -11.33 10.83 -23.19
CA LEU B 11 -10.26 11.59 -22.56
C LEU B 11 -10.71 13.00 -22.22
N MET B 12 -11.73 13.51 -22.93
CA MET B 12 -12.22 14.87 -22.74
C MET B 12 -13.42 14.89 -21.78
N LEU B 13 -14.13 13.75 -21.68
CA LEU B 13 -15.26 13.63 -20.77
C LEU B 13 -14.79 13.16 -19.38
N ASN B 14 -13.51 12.76 -19.29
CA ASN B 14 -12.90 12.32 -18.04
C ASN B 14 -12.11 13.49 -17.45
N PRO B 15 -12.59 14.15 -16.38
CA PRO B 15 -11.92 15.35 -15.87
C PRO B 15 -10.53 15.17 -15.25
N ARG B 16 -10.15 13.91 -14.97
CA ARG B 16 -8.84 13.64 -14.40
C ARG B 16 -7.77 13.67 -15.50
N THR B 17 -8.16 13.46 -16.76
CA THR B 17 -7.22 13.45 -17.87
C THR B 17 -7.42 14.65 -18.79
N ASN B 18 -8.62 15.26 -18.75
CA ASN B 18 -8.96 16.31 -19.69
C ASN B 18 -8.08 17.53 -19.43
N LYS B 19 -7.33 17.92 -20.47
CA LYS B 19 -6.51 19.13 -20.45
C LYS B 19 -7.22 20.23 -21.24
N GLY B 20 -8.25 19.87 -21.99
CA GLY B 20 -9.00 20.83 -22.78
C GLY B 20 -8.21 21.28 -24.00
N MET B 21 -8.11 22.59 -24.20
CA MET B 21 -7.34 23.13 -25.31
C MET B 21 -5.85 23.17 -24.96
N ALA B 22 -5.48 22.71 -23.76
CA ALA B 22 -4.09 22.57 -23.37
C ALA B 22 -3.50 21.26 -23.88
N PHE B 23 -4.31 20.43 -24.55
CA PHE B 23 -3.77 19.32 -25.31
C PHE B 23 -2.90 19.88 -26.42
N THR B 24 -1.66 19.38 -26.52
CA THR B 24 -0.72 19.82 -27.53
C THR B 24 -1.15 19.26 -28.88
N LEU B 25 -0.49 19.72 -29.95
CA LEU B 25 -0.74 19.24 -31.29
C LEU B 25 -0.38 17.75 -31.39
N GLN B 26 0.80 17.40 -30.86
CA GLN B 26 1.27 16.03 -30.78
C GLN B 26 0.26 15.15 -30.05
N GLU B 27 -0.27 15.63 -28.91
CA GLU B 27 -1.18 14.86 -28.08
C GLU B 27 -2.50 14.65 -28.83
N ARG B 28 -3.03 15.72 -29.42
CA ARG B 28 -4.29 15.66 -30.17
C ARG B 28 -4.19 14.64 -31.30
N GLN B 29 -3.08 14.68 -32.03
CA GLN B 29 -2.89 13.81 -33.18
C GLN B 29 -2.78 12.35 -32.74
N MET B 30 -1.96 12.09 -31.71
CA MET B 30 -1.67 10.72 -31.30
C MET B 30 -2.84 10.10 -30.53
N LEU B 31 -3.70 10.94 -29.91
CA LEU B 31 -4.77 10.44 -29.06
C LEU B 31 -6.13 10.54 -29.75
N GLY B 32 -6.16 11.08 -30.98
CA GLY B 32 -7.37 11.10 -31.78
C GLY B 32 -8.34 12.17 -31.33
N LEU B 33 -7.79 13.33 -30.93
CA LEU B 33 -8.59 14.49 -30.52
C LEU B 33 -8.56 15.56 -31.61
N GLN B 34 -7.69 15.37 -32.62
CA GLN B 34 -7.51 16.35 -33.67
C GLN B 34 -8.83 16.57 -34.39
N GLY B 35 -9.40 17.76 -34.21
CA GLY B 35 -10.67 18.11 -34.84
C GLY B 35 -11.80 18.21 -33.83
N LEU B 36 -11.62 17.61 -32.65
CA LEU B 36 -12.62 17.68 -31.60
C LEU B 36 -12.38 18.92 -30.73
N LEU B 37 -11.17 19.49 -30.84
CA LEU B 37 -10.85 20.75 -30.18
C LEU B 37 -10.75 21.85 -31.22
N PRO B 38 -10.95 23.13 -30.86
CA PRO B 38 -10.67 24.24 -31.77
C PRO B 38 -9.17 24.25 -32.05
N PRO B 39 -8.73 24.74 -33.23
CA PRO B 39 -7.32 24.71 -33.62
C PRO B 39 -6.46 25.75 -32.91
N LYS B 40 -6.44 25.68 -31.58
CA LYS B 40 -5.78 26.67 -30.74
C LYS B 40 -5.14 25.95 -29.56
N ILE B 41 -3.81 25.96 -29.51
CA ILE B 41 -3.09 25.37 -28.41
C ILE B 41 -2.99 26.41 -27.30
N GLU B 42 -3.53 26.06 -26.12
CA GLU B 42 -3.46 26.91 -24.95
C GLU B 42 -2.53 26.27 -23.93
N THR B 43 -2.33 26.97 -22.81
CA THR B 43 -1.60 26.46 -21.68
C THR B 43 -2.50 26.58 -20.46
N GLN B 44 -2.05 26.05 -19.32
CA GLN B 44 -2.84 26.09 -18.11
C GLN B 44 -3.04 27.55 -17.68
N ASP B 45 -2.07 28.41 -18.04
CA ASP B 45 -2.12 29.83 -17.70
C ASP B 45 -3.29 30.51 -18.42
N ILE B 46 -3.36 30.33 -19.75
CA ILE B 46 -4.37 31.00 -20.55
C ILE B 46 -5.75 30.55 -20.09
N GLN B 47 -5.92 29.24 -19.88
CA GLN B 47 -7.16 28.69 -19.36
C GLN B 47 -7.52 29.38 -18.05
N ALA B 48 -6.52 29.55 -17.18
CA ALA B 48 -6.71 30.20 -15.88
C ALA B 48 -7.17 31.65 -16.07
N LEU B 49 -6.51 32.39 -16.97
CA LEU B 49 -6.84 33.79 -17.19
C LEU B 49 -8.27 33.91 -17.72
N ARG B 50 -8.69 32.94 -18.54
CA ARG B 50 -10.06 32.91 -19.03
C ARG B 50 -11.03 32.83 -17.86
N PHE B 51 -10.73 31.90 -16.93
CA PHE B 51 -11.57 31.72 -15.76
C PHE B 51 -11.67 33.02 -14.97
N HIS B 52 -10.52 33.66 -14.71
CA HIS B 52 -10.46 34.87 -13.91
C HIS B 52 -11.27 35.99 -14.58
N ARG B 53 -11.17 36.10 -15.91
CA ARG B 53 -11.87 37.15 -16.64
C ARG B 53 -13.38 36.98 -16.54
N ASN B 54 -13.85 35.72 -16.51
CA ASN B 54 -15.29 35.44 -16.49
C ASN B 54 -15.85 35.57 -15.08
N LEU B 55 -15.02 35.31 -14.07
CA LEU B 55 -15.46 35.36 -12.68
C LEU B 55 -15.91 36.78 -12.31
N LYS B 56 -15.30 37.78 -12.96
CA LYS B 56 -15.60 39.18 -12.68
C LYS B 56 -16.97 39.57 -13.24
N LYS B 57 -17.36 38.98 -14.37
CA LYS B 57 -18.65 39.24 -14.99
C LYS B 57 -19.80 38.86 -14.04
N MET B 58 -19.52 37.99 -13.06
CA MET B 58 -20.52 37.53 -12.12
C MET B 58 -20.47 38.40 -10.87
N THR B 59 -21.65 38.66 -10.28
CA THR B 59 -21.77 39.49 -9.09
C THR B 59 -22.19 38.62 -7.90
N SER B 60 -23.18 37.76 -8.12
CA SER B 60 -23.69 36.86 -7.09
C SER B 60 -22.61 35.85 -6.70
N PRO B 61 -22.32 35.66 -5.39
CA PRO B 61 -21.44 34.58 -4.94
C PRO B 61 -21.88 33.20 -5.44
N LEU B 62 -23.19 32.96 -5.48
CA LEU B 62 -23.74 31.65 -5.82
C LEU B 62 -23.52 31.35 -7.30
N GLU B 63 -23.53 32.38 -8.15
CA GLU B 63 -23.17 32.22 -9.55
C GLU B 63 -21.74 31.70 -9.66
N LYS B 64 -20.85 32.22 -8.82
CA LYS B 64 -19.43 31.91 -8.87
C LYS B 64 -19.18 30.49 -8.40
N TYR B 65 -19.91 30.06 -7.36
CA TYR B 65 -19.86 28.70 -6.86
C TYR B 65 -20.19 27.71 -7.98
N ILE B 66 -21.27 28.00 -8.72
CA ILE B 66 -21.75 27.12 -9.77
C ILE B 66 -20.73 27.05 -10.90
N TYR B 67 -20.12 28.19 -11.25
CA TYR B 67 -19.18 28.24 -12.36
C TYR B 67 -17.92 27.45 -12.04
N ILE B 68 -17.39 27.64 -10.81
CA ILE B 68 -16.11 27.07 -10.44
C ILE B 68 -16.25 25.56 -10.16
N MET B 69 -17.32 25.16 -9.45
CA MET B 69 -17.55 23.75 -9.17
C MET B 69 -17.78 22.99 -10.47
N GLY B 70 -18.33 23.67 -11.48
CA GLY B 70 -18.46 23.12 -12.81
C GLY B 70 -17.13 22.66 -13.40
N ILE B 71 -16.04 23.36 -13.05
CA ILE B 71 -14.73 23.10 -13.65
C ILE B 71 -14.13 21.83 -13.07
N GLN B 72 -14.43 21.55 -11.80
CA GLN B 72 -14.04 20.29 -11.17
C GLN B 72 -14.51 19.10 -12.01
N GLU B 73 -15.59 19.29 -12.77
CA GLU B 73 -16.23 18.20 -13.49
C GLU B 73 -15.77 18.16 -14.95
N ARG B 74 -15.24 19.28 -15.47
CA ARG B 74 -14.70 19.33 -16.83
C ARG B 74 -13.19 19.07 -16.79
N ASN B 75 -12.48 19.77 -15.90
CA ASN B 75 -11.03 19.73 -15.86
C ASN B 75 -10.54 19.91 -14.43
N GLU B 76 -10.02 18.82 -13.86
CA GLU B 76 -9.67 18.76 -12.45
C GLU B 76 -8.36 19.50 -12.18
N LYS B 77 -7.34 19.26 -13.02
CA LYS B 77 -6.07 19.94 -12.90
C LYS B 77 -6.27 21.45 -12.96
N LEU B 78 -7.11 21.91 -13.89
CA LEU B 78 -7.40 23.33 -14.04
C LEU B 78 -8.09 23.87 -12.79
N PHE B 79 -9.00 23.06 -12.22
CA PHE B 79 -9.80 23.49 -11.08
C PHE B 79 -8.89 23.84 -9.91
N TYR B 80 -7.97 22.92 -9.56
CA TYR B 80 -7.18 23.08 -8.35
C TYR B 80 -6.06 24.09 -8.59
N ARG B 81 -5.71 24.33 -9.86
CA ARG B 81 -4.79 25.40 -10.23
C ARG B 81 -5.44 26.76 -9.97
N ILE B 82 -6.74 26.86 -10.28
CA ILE B 82 -7.49 28.09 -10.11
C ILE B 82 -7.60 28.43 -8.63
N LEU B 83 -7.76 27.41 -7.78
CA LEU B 83 -7.88 27.60 -6.34
C LEU B 83 -6.55 28.05 -5.75
N GLN B 84 -5.46 27.42 -6.18
CA GLN B 84 -4.14 27.71 -5.63
C GLN B 84 -3.65 29.08 -6.10
N ASP B 85 -4.21 29.57 -7.22
CA ASP B 85 -3.83 30.85 -7.79
C ASP B 85 -4.33 32.01 -6.93
N ASP B 86 -5.56 31.89 -6.40
CA ASP B 86 -6.16 32.95 -5.61
C ASP B 86 -6.98 32.30 -4.48
N ILE B 87 -6.26 31.67 -3.54
CA ILE B 87 -6.87 30.85 -2.52
C ILE B 87 -7.65 31.71 -1.54
N GLU B 88 -7.15 32.91 -1.25
CA GLU B 88 -7.74 33.75 -0.22
C GLU B 88 -9.17 34.13 -0.60
N SER B 89 -9.35 34.56 -1.86
CA SER B 89 -10.64 35.08 -2.30
C SER B 89 -11.63 33.95 -2.58
N LEU B 90 -11.14 32.83 -3.15
CA LEU B 90 -12.00 31.78 -3.66
C LEU B 90 -12.39 30.77 -2.57
N MET B 91 -11.73 30.83 -1.40
CA MET B 91 -12.04 29.92 -0.31
C MET B 91 -13.42 30.25 0.27
N PRO B 92 -13.76 31.55 0.47
CA PRO B 92 -15.14 31.97 0.70
C PRO B 92 -16.19 31.43 -0.28
N ILE B 93 -15.80 31.25 -1.55
CA ILE B 93 -16.71 30.77 -2.58
C ILE B 93 -16.89 29.26 -2.45
N VAL B 94 -15.77 28.52 -2.55
CA VAL B 94 -15.79 27.07 -2.58
C VAL B 94 -16.36 26.51 -1.28
N TYR B 95 -16.04 27.16 -0.15
CA TYR B 95 -16.53 26.75 1.15
C TYR B 95 -17.31 27.90 1.78
N THR B 96 -17.20 28.07 3.10
CA THR B 96 -17.99 29.06 3.83
C THR B 96 -17.56 30.47 3.43
N PRO B 97 -18.48 31.45 3.35
CA PRO B 97 -19.90 31.23 3.67
C PRO B 97 -20.80 30.77 2.52
N THR B 98 -20.28 30.85 1.28
CA THR B 98 -21.10 30.71 0.08
C THR B 98 -21.62 29.29 -0.07
N VAL B 99 -20.88 28.30 0.47
CA VAL B 99 -21.31 26.91 0.41
C VAL B 99 -22.56 26.73 1.26
N GLY B 100 -22.68 27.55 2.32
CA GLY B 100 -23.88 27.58 3.14
C GLY B 100 -25.10 27.99 2.30
N LEU B 101 -24.96 29.08 1.55
CA LEU B 101 -26.00 29.58 0.68
C LEU B 101 -26.32 28.56 -0.42
N ALA B 102 -25.28 27.86 -0.87
CA ALA B 102 -25.41 26.83 -1.90
C ALA B 102 -26.09 25.59 -1.33
N CYS B 103 -25.68 25.20 -0.11
CA CYS B 103 -26.23 24.05 0.57
C CYS B 103 -27.75 24.21 0.76
N SER B 104 -28.19 25.45 0.99
CA SER B 104 -29.61 25.72 1.20
C SER B 104 -30.42 25.40 -0.05
N GLN B 105 -29.85 25.67 -1.23
CA GLN B 105 -30.53 25.48 -2.50
C GLN B 105 -29.88 24.36 -3.30
N TYR B 106 -29.26 23.40 -2.60
CA TYR B 106 -28.37 22.44 -3.24
C TYR B 106 -29.16 21.63 -4.27
N GLY B 107 -30.43 21.33 -3.95
CA GLY B 107 -31.31 20.57 -4.83
C GLY B 107 -31.82 21.40 -6.01
N HIS B 108 -31.80 22.73 -5.86
CA HIS B 108 -32.26 23.65 -6.89
C HIS B 108 -31.17 23.94 -7.92
N ILE B 109 -29.90 23.71 -7.54
CA ILE B 109 -28.77 24.01 -8.41
C ILE B 109 -28.07 22.72 -8.83
N PHE B 110 -28.65 21.57 -8.49
CA PHE B 110 -28.00 20.29 -8.76
C PHE B 110 -27.85 20.09 -10.26
N ARG B 111 -26.64 19.72 -10.68
CA ARG B 111 -26.34 19.44 -12.08
C ARG B 111 -25.79 18.03 -12.20
N ARG B 112 -24.66 17.78 -11.52
CA ARG B 112 -24.07 16.46 -11.44
C ARG B 112 -23.80 16.15 -9.97
N PRO B 113 -23.88 14.87 -9.54
CA PRO B 113 -23.54 14.47 -8.18
C PRO B 113 -22.04 14.29 -8.03
N LYS B 114 -21.54 14.50 -6.80
CA LYS B 114 -20.10 14.65 -6.60
C LYS B 114 -19.54 13.61 -5.62
N GLY B 115 -20.39 13.02 -4.77
CA GLY B 115 -19.90 12.13 -3.72
C GLY B 115 -20.62 10.78 -3.70
N LEU B 116 -20.63 10.14 -2.52
CA LEU B 116 -21.27 8.86 -2.32
C LEU B 116 -22.43 9.02 -1.34
N PHE B 117 -23.61 8.51 -1.71
CA PHE B 117 -24.84 8.69 -0.96
C PHE B 117 -25.30 7.37 -0.33
N ILE B 118 -25.17 7.26 0.99
CA ILE B 118 -25.62 6.09 1.72
C ILE B 118 -26.90 6.46 2.48
N SER B 119 -28.03 5.87 2.09
CA SER B 119 -29.27 6.14 2.78
C SER B 119 -29.50 5.09 3.86
N ILE B 120 -30.50 5.35 4.71
CA ILE B 120 -30.96 4.37 5.70
C ILE B 120 -31.62 3.21 4.98
N SER B 121 -32.24 3.49 3.83
CA SER B 121 -32.91 2.48 3.01
C SER B 121 -31.92 1.43 2.50
N ASP B 122 -30.62 1.73 2.52
CA ASP B 122 -29.59 0.81 2.06
C ASP B 122 -28.95 0.08 3.24
N ARG B 123 -29.64 0.01 4.39
CA ARG B 123 -29.11 -0.72 5.52
C ARG B 123 -28.96 -2.19 5.13
N GLY B 124 -27.79 -2.76 5.41
CA GLY B 124 -27.50 -4.15 5.10
C GLY B 124 -26.77 -4.32 3.78
N HIS B 125 -26.72 -3.25 2.96
CA HIS B 125 -26.14 -3.33 1.64
C HIS B 125 -25.19 -2.15 1.41
N VAL B 126 -24.46 -1.76 2.46
CA VAL B 126 -23.63 -0.58 2.42
C VAL B 126 -22.33 -0.88 1.69
N ARG B 127 -21.79 -2.10 1.86
CA ARG B 127 -20.56 -2.50 1.19
C ARG B 127 -20.79 -2.49 -0.32
N SER B 128 -22.01 -2.83 -0.77
CA SER B 128 -22.37 -2.75 -2.17
C SER B 128 -22.11 -1.33 -2.68
N ILE B 129 -22.60 -0.35 -1.93
CA ILE B 129 -22.51 1.04 -2.31
C ILE B 129 -21.05 1.49 -2.34
N VAL B 130 -20.28 1.10 -1.32
CA VAL B 130 -18.89 1.49 -1.24
C VAL B 130 -18.14 0.94 -2.46
N ASP B 131 -18.50 -0.28 -2.89
CA ASP B 131 -17.82 -0.96 -3.98
C ASP B 131 -18.15 -0.33 -5.34
N ASN B 132 -19.21 0.48 -5.42
CA ASN B 132 -19.53 1.19 -6.65
C ASN B 132 -18.63 2.40 -6.84
N TRP B 133 -17.89 2.82 -5.81
CA TRP B 133 -17.03 3.98 -5.94
C TRP B 133 -15.89 3.66 -6.91
N PRO B 134 -15.77 4.39 -8.04
CA PRO B 134 -14.73 4.13 -9.04
C PRO B 134 -13.29 4.01 -8.56
N GLU B 135 -12.89 4.85 -7.60
CA GLU B 135 -11.50 4.93 -7.17
C GLU B 135 -11.20 3.80 -6.19
N ASN B 136 -9.97 3.26 -6.27
CA ASN B 136 -9.59 2.05 -5.57
C ASN B 136 -8.71 2.32 -4.34
N HIS B 137 -8.11 3.52 -4.22
CA HIS B 137 -7.13 3.79 -3.17
CA HIS B 137 -7.14 3.78 -3.17
C HIS B 137 -7.49 5.08 -2.44
N VAL B 138 -8.71 5.11 -1.88
CA VAL B 138 -9.19 6.24 -1.10
C VAL B 138 -8.46 6.29 0.23
N LYS B 139 -7.96 7.48 0.60
CA LYS B 139 -7.20 7.69 1.83
C LYS B 139 -7.94 8.64 2.78
N ALA B 140 -8.81 9.49 2.25
CA ALA B 140 -9.43 10.57 3.02
C ALA B 140 -10.94 10.59 2.79
N VAL B 141 -11.71 10.34 3.86
CA VAL B 141 -13.15 10.35 3.81
C VAL B 141 -13.67 11.49 4.67
N VAL B 142 -14.61 12.26 4.11
CA VAL B 142 -15.33 13.27 4.86
C VAL B 142 -16.81 12.94 4.77
N VAL B 143 -17.46 12.71 5.92
CA VAL B 143 -18.82 12.22 5.95
C VAL B 143 -19.67 13.21 6.73
N THR B 144 -20.94 13.36 6.30
CA THR B 144 -21.89 14.23 6.96
C THR B 144 -23.27 13.56 6.94
N ASP B 145 -24.00 13.71 8.04
CA ASP B 145 -25.39 13.29 8.09
C ASP B 145 -26.28 14.44 7.62
N GLY B 146 -25.77 15.66 7.72
CA GLY B 146 -26.47 16.86 7.24
C GLY B 146 -27.33 17.52 8.31
N GLU B 147 -27.18 17.08 9.57
CA GLU B 147 -28.10 17.45 10.64
C GLU B 147 -27.84 18.88 11.12
N ARG B 148 -26.56 19.27 11.14
CA ARG B 148 -26.17 20.59 11.61
C ARG B 148 -25.21 21.22 10.62
N ILE B 149 -25.73 21.66 9.47
CA ILE B 149 -24.92 22.31 8.47
C ILE B 149 -24.72 23.76 8.88
N LEU B 150 -23.49 24.11 9.26
CA LEU B 150 -23.14 25.46 9.68
C LEU B 150 -24.19 25.92 10.69
N GLY B 151 -24.72 27.14 10.52
CA GLY B 151 -25.78 27.64 11.37
C GLY B 151 -27.15 27.53 10.69
N LEU B 152 -27.24 26.68 9.66
CA LEU B 152 -28.44 26.56 8.86
C LEU B 152 -29.31 25.40 9.36
N GLY B 153 -28.75 24.57 10.25
CA GLY B 153 -29.50 23.47 10.85
C GLY B 153 -29.52 22.24 9.94
N ASP B 154 -30.71 21.63 9.82
CA ASP B 154 -30.86 20.33 9.18
C ASP B 154 -31.21 20.51 7.70
N LEU B 155 -30.19 20.40 6.83
CA LEU B 155 -30.39 20.49 5.40
C LEU B 155 -30.39 19.08 4.78
N GLY B 156 -30.00 18.08 5.57
CA GLY B 156 -30.07 16.69 5.13
C GLY B 156 -29.08 16.40 4.00
N VAL B 157 -29.61 15.97 2.86
CA VAL B 157 -28.80 15.54 1.73
C VAL B 157 -28.27 16.75 0.97
N TYR B 158 -28.90 17.91 1.20
CA TYR B 158 -28.37 19.17 0.71
C TYR B 158 -27.00 19.44 1.32
N GLY B 159 -26.70 18.79 2.45
CA GLY B 159 -25.45 19.01 3.18
C GLY B 159 -24.24 18.42 2.46
N MET B 160 -24.45 17.72 1.34
CA MET B 160 -23.38 17.06 0.63
C MET B 160 -22.32 18.07 0.17
N GLY B 161 -22.76 19.31 -0.11
CA GLY B 161 -21.87 20.38 -0.53
C GLY B 161 -20.72 20.61 0.44
N ILE B 162 -20.94 20.26 1.72
CA ILE B 162 -19.95 20.50 2.77
C ILE B 162 -18.75 19.55 2.56
N PRO B 163 -18.89 18.21 2.68
CA PRO B 163 -17.78 17.31 2.35
C PRO B 163 -17.08 17.62 1.03
N VAL B 164 -17.86 17.88 -0.02
CA VAL B 164 -17.34 18.13 -1.36
C VAL B 164 -16.40 19.33 -1.30
N GLY B 165 -16.89 20.44 -0.73
CA GLY B 165 -16.11 21.65 -0.60
C GLY B 165 -14.87 21.43 0.26
N LYS B 166 -15.02 20.68 1.35
CA LYS B 166 -13.95 20.54 2.33
C LYS B 166 -12.80 19.74 1.72
N LEU B 167 -13.14 18.71 0.92
CA LEU B 167 -12.12 17.89 0.29
C LEU B 167 -11.41 18.66 -0.81
N CYS B 168 -12.06 19.70 -1.35
CA CYS B 168 -11.39 20.59 -2.28
C CYS B 168 -10.22 21.27 -1.59
N LEU B 169 -10.38 21.55 -0.29
CA LEU B 169 -9.39 22.31 0.47
C LEU B 169 -8.30 21.37 0.99
N TYR B 170 -8.64 20.11 1.23
CA TYR B 170 -7.65 19.07 1.48
C TYR B 170 -6.61 19.08 0.36
N THR B 171 -7.11 19.08 -0.89
CA THR B 171 -6.29 19.03 -2.08
C THR B 171 -5.61 20.38 -2.31
N ALA B 172 -6.40 21.46 -2.28
CA ALA B 172 -5.92 22.79 -2.65
C ALA B 172 -4.78 23.24 -1.74
N CYS B 173 -4.90 22.94 -0.44
CA CYS B 173 -3.98 23.45 0.57
C CYS B 173 -2.84 22.46 0.80
N ALA B 174 -3.18 21.21 1.11
CA ALA B 174 -2.19 20.23 1.55
C ALA B 174 -1.63 19.42 0.37
N GLY B 175 -2.36 19.39 -0.75
CA GLY B 175 -1.94 18.59 -1.89
C GLY B 175 -2.22 17.10 -1.68
N ILE B 176 -3.36 16.80 -1.05
CA ILE B 176 -3.83 15.42 -0.94
C ILE B 176 -4.48 15.04 -2.26
N ARG B 177 -4.04 13.92 -2.83
CA ARG B 177 -4.48 13.48 -4.15
C ARG B 177 -6.01 13.48 -4.20
N PRO B 178 -6.62 14.25 -5.13
CA PRO B 178 -8.09 14.30 -5.24
C PRO B 178 -8.75 12.95 -5.49
N ASP B 179 -8.06 12.07 -6.22
CA ASP B 179 -8.60 10.76 -6.56
C ASP B 179 -8.58 9.82 -5.37
N ARG B 180 -8.05 10.27 -4.22
CA ARG B 180 -8.06 9.47 -3.01
C ARG B 180 -8.96 10.11 -1.96
N CYS B 181 -9.76 11.09 -2.37
CA CYS B 181 -10.71 11.76 -1.49
C CYS B 181 -12.13 11.27 -1.79
N LEU B 182 -12.89 10.97 -0.75
CA LEU B 182 -14.25 10.47 -0.90
C LEU B 182 -15.19 11.29 -0.03
N PRO B 183 -16.05 12.15 -0.61
CA PRO B 183 -17.10 12.81 0.14
C PRO B 183 -18.31 11.89 0.25
N VAL B 184 -18.88 11.80 1.45
CA VAL B 184 -19.97 10.88 1.73
C VAL B 184 -21.09 11.61 2.47
N CYS B 185 -22.34 11.30 2.11
CA CYS B 185 -23.49 11.83 2.80
C CYS B 185 -24.37 10.68 3.29
N ILE B 186 -24.47 10.51 4.63
CA ILE B 186 -25.40 9.59 5.24
C ILE B 186 -26.78 10.25 5.25
N ASP B 187 -27.77 9.59 4.62
CA ASP B 187 -29.12 10.13 4.55
C ASP B 187 -30.07 9.27 5.37
N VAL B 188 -30.55 9.82 6.49
CA VAL B 188 -31.41 9.08 7.39
C VAL B 188 -32.75 9.80 7.55
N GLY B 189 -33.02 10.76 6.65
CA GLY B 189 -34.19 11.62 6.77
C GLY B 189 -33.77 13.04 7.13
N THR B 190 -34.75 13.95 7.18
CA THR B 190 -34.53 15.33 7.60
C THR B 190 -35.74 15.80 8.42
N ASP B 191 -35.46 16.57 9.47
CA ASP B 191 -36.50 17.16 10.32
C ASP B 191 -36.99 18.47 9.71
N ASN B 192 -36.25 18.99 8.73
CA ASN B 192 -36.60 20.24 8.05
C ASN B 192 -37.88 20.03 7.24
N ILE B 193 -38.90 20.84 7.54
CA ILE B 193 -40.23 20.67 6.97
C ILE B 193 -40.24 21.20 5.55
N ALA B 194 -39.62 22.37 5.35
CA ALA B 194 -39.59 23.02 4.04
C ALA B 194 -39.09 22.05 2.97
N LEU B 195 -38.06 21.26 3.31
CA LEU B 195 -37.44 20.33 2.38
C LEU B 195 -38.37 19.16 2.12
N LEU B 196 -39.00 18.62 3.17
CA LEU B 196 -39.95 17.53 3.02
C LEU B 196 -41.13 17.94 2.13
N LYS B 197 -41.37 19.25 2.02
CA LYS B 197 -42.41 19.79 1.14
C LYS B 197 -41.86 20.04 -0.27
N ASP B 198 -40.53 20.06 -0.42
CA ASP B 198 -39.88 20.49 -1.66
C ASP B 198 -39.89 19.36 -2.66
N PRO B 199 -40.41 19.58 -3.90
CA PRO B 199 -40.34 18.56 -4.96
C PRO B 199 -38.96 18.37 -5.59
N PHE B 200 -37.96 19.13 -5.14
CA PHE B 200 -36.60 19.00 -5.65
C PHE B 200 -35.66 18.52 -4.53
N TYR B 201 -36.19 18.23 -3.34
CA TYR B 201 -35.37 17.70 -2.27
C TYR B 201 -34.77 16.37 -2.74
N MET B 202 -33.46 16.21 -2.53
CA MET B 202 -32.71 15.13 -3.14
C MET B 202 -32.58 13.92 -2.21
N GLY B 203 -33.13 14.03 -0.99
CA GLY B 203 -32.99 12.99 0.00
C GLY B 203 -34.26 12.15 0.16
N LEU B 204 -34.27 11.32 1.19
CA LEU B 204 -35.45 10.54 1.57
C LEU B 204 -36.47 11.49 2.21
N TYR B 205 -37.73 11.36 1.77
CA TYR B 205 -38.82 12.13 2.33
C TYR B 205 -39.30 11.45 3.62
N GLN B 206 -38.57 11.71 4.71
CA GLN B 206 -38.95 11.20 6.03
C GLN B 206 -38.22 12.00 7.11
N LYS B 207 -38.69 11.84 8.36
CA LYS B 207 -38.04 12.41 9.51
C LYS B 207 -36.73 11.67 9.78
N ARG B 208 -35.80 12.33 10.47
CA ARG B 208 -34.54 11.71 10.85
C ARG B 208 -34.81 10.48 11.70
N ASP B 209 -34.27 9.34 11.27
CA ASP B 209 -34.23 8.14 12.08
C ASP B 209 -33.20 8.36 13.18
N ARG B 210 -33.65 8.28 14.43
CA ARG B 210 -32.77 8.45 15.58
C ARG B 210 -32.71 7.15 16.39
N THR B 211 -33.20 6.05 15.78
CA THR B 211 -33.34 4.79 16.49
C THR B 211 -31.99 4.07 16.50
N GLN B 212 -32.02 2.76 16.80
CA GLN B 212 -30.82 1.95 16.84
C GLN B 212 -30.27 1.75 15.42
N GLN B 213 -31.15 1.83 14.42
CA GLN B 213 -30.78 1.63 13.04
C GLN B 213 -29.72 2.65 12.63
N TYR B 214 -29.87 3.90 13.09
CA TYR B 214 -28.96 4.98 12.75
C TYR B 214 -27.55 4.63 13.20
N ASP B 215 -27.42 4.21 14.47
CA ASP B 215 -26.14 3.83 15.03
C ASP B 215 -25.56 2.65 14.26
N ASP B 216 -26.42 1.69 13.92
CA ASP B 216 -26.04 0.51 13.15
C ASP B 216 -25.50 0.93 11.78
N LEU B 217 -26.18 1.89 11.16
CA LEU B 217 -25.84 2.35 9.82
C LEU B 217 -24.45 2.99 9.81
N ILE B 218 -24.14 3.75 10.87
CA ILE B 218 -22.84 4.38 10.99
C ILE B 218 -21.79 3.30 11.25
N ASP B 219 -22.11 2.33 12.12
CA ASP B 219 -21.25 1.18 12.34
C ASP B 219 -20.94 0.52 10.99
N GLU B 220 -22.00 0.15 10.26
CA GLU B 220 -21.87 -0.56 9.00
C GLU B 220 -21.04 0.25 8.02
N PHE B 221 -21.21 1.58 8.05
CA PHE B 221 -20.47 2.49 7.17
C PHE B 221 -18.99 2.45 7.50
N MET B 222 -18.65 2.49 8.80
CA MET B 222 -17.26 2.51 9.22
C MET B 222 -16.58 1.19 8.84
N LYS B 223 -17.32 0.09 9.02
CA LYS B 223 -16.82 -1.24 8.70
C LYS B 223 -16.56 -1.37 7.20
N ALA B 224 -17.52 -0.88 6.40
CA ALA B 224 -17.50 -1.05 4.95
C ALA B 224 -16.35 -0.29 4.31
N ILE B 225 -16.10 0.93 4.79
CA ILE B 225 -15.05 1.78 4.24
C ILE B 225 -13.69 1.13 4.50
N THR B 226 -13.49 0.70 5.75
CA THR B 226 -12.18 0.21 6.17
C THR B 226 -11.96 -1.23 5.68
N ASP B 227 -13.05 -1.97 5.42
CA ASP B 227 -12.93 -3.24 4.73
C ASP B 227 -12.28 -3.01 3.37
N ARG B 228 -12.88 -2.12 2.58
CA ARG B 228 -12.43 -1.93 1.21
C ARG B 228 -11.07 -1.23 1.16
N TYR B 229 -10.94 -0.14 1.92
CA TYR B 229 -9.83 0.79 1.71
C TYR B 229 -8.77 0.65 2.80
N GLY B 230 -9.06 -0.08 3.88
CA GLY B 230 -8.09 -0.28 4.94
C GLY B 230 -8.48 0.45 6.23
N ARG B 231 -7.94 -0.04 7.35
CA ARG B 231 -8.31 0.44 8.68
C ARG B 231 -7.66 1.80 8.97
N ASN B 232 -6.61 2.17 8.23
CA ASN B 232 -5.94 3.44 8.47
C ASN B 232 -6.52 4.53 7.56
N THR B 233 -7.69 4.26 6.96
CA THR B 233 -8.38 5.25 6.16
C THR B 233 -8.87 6.37 7.07
N LEU B 234 -8.49 7.61 6.72
CA LEU B 234 -8.86 8.78 7.48
C LEU B 234 -10.33 9.11 7.22
N ILE B 235 -11.14 9.10 8.28
CA ILE B 235 -12.57 9.37 8.20
C ILE B 235 -12.90 10.59 9.06
N GLN B 236 -13.20 11.72 8.41
CA GLN B 236 -13.48 12.96 9.10
C GLN B 236 -14.99 13.21 9.16
N PHE B 237 -15.54 13.25 10.38
CA PHE B 237 -16.95 13.56 10.63
C PHE B 237 -17.13 15.08 10.59
N GLU B 238 -18.15 15.54 9.85
CA GLU B 238 -18.39 16.97 9.66
C GLU B 238 -19.88 17.26 9.77
N ASP B 239 -20.21 18.30 10.54
CA ASP B 239 -21.55 18.87 10.59
C ASP B 239 -22.58 17.80 10.97
N PHE B 240 -22.22 16.97 11.95
CA PHE B 240 -23.19 16.15 12.67
C PHE B 240 -23.79 16.99 13.80
N GLY B 241 -24.98 16.59 14.28
CA GLY B 241 -25.54 17.15 15.50
C GLY B 241 -24.58 16.96 16.67
N ASN B 242 -24.69 17.83 17.68
CA ASN B 242 -23.75 17.87 18.79
C ASN B 242 -23.70 16.52 19.49
N HIS B 243 -24.86 15.99 19.88
CA HIS B 243 -24.92 14.74 20.63
C HIS B 243 -24.10 13.66 19.90
N ASN B 244 -24.35 13.53 18.58
CA ASN B 244 -23.73 12.49 17.77
C ASN B 244 -22.24 12.78 17.57
N ALA B 245 -21.91 14.03 17.26
CA ALA B 245 -20.53 14.42 17.00
C ALA B 245 -19.61 13.91 18.10
N PHE B 246 -19.97 14.18 19.36
CA PHE B 246 -19.13 13.84 20.50
C PHE B 246 -19.14 12.33 20.74
N ARG B 247 -20.33 11.71 20.71
CA ARG B 247 -20.47 10.33 21.11
C ARG B 247 -19.79 9.42 20.09
N PHE B 248 -19.92 9.75 18.80
CA PHE B 248 -19.27 8.98 17.75
C PHE B 248 -17.77 9.19 17.82
N LEU B 249 -17.32 10.41 18.10
CA LEU B 249 -15.91 10.71 18.24
C LEU B 249 -15.31 9.84 19.35
N ARG B 250 -16.07 9.61 20.42
CA ARG B 250 -15.61 8.78 21.53
C ARG B 250 -15.61 7.31 21.11
N LYS B 251 -16.66 6.89 20.40
CA LYS B 251 -16.89 5.49 20.10
C LYS B 251 -15.86 4.96 19.09
N TYR B 252 -15.38 5.83 18.19
CA TYR B 252 -14.56 5.39 17.07
C TYR B 252 -13.13 5.92 17.16
N ARG B 253 -12.85 6.80 18.13
CA ARG B 253 -11.53 7.41 18.26
C ARG B 253 -10.46 6.33 18.30
N GLU B 254 -10.70 5.28 19.10
CA GLU B 254 -9.68 4.27 19.38
C GLU B 254 -9.84 3.07 18.45
N LYS B 255 -10.89 3.06 17.63
CA LYS B 255 -11.20 1.90 16.80
C LYS B 255 -10.81 2.16 15.35
N TYR B 256 -11.04 3.39 14.86
CA TYR B 256 -10.72 3.76 13.50
C TYR B 256 -9.81 4.99 13.52
N CYS B 257 -9.39 5.41 12.31
CA CYS B 257 -8.62 6.63 12.14
C CYS B 257 -9.58 7.77 11.82
N THR B 258 -10.18 8.37 12.86
CA THR B 258 -11.26 9.31 12.67
C THR B 258 -11.01 10.57 13.49
N PHE B 259 -11.58 11.69 13.04
CA PHE B 259 -11.59 12.93 13.82
C PHE B 259 -12.78 13.77 13.38
N ASN B 260 -13.09 14.80 14.18
CA ASN B 260 -14.18 15.72 13.91
C ASN B 260 -13.61 17.12 13.85
N ASP B 261 -13.77 17.81 12.71
CA ASP B 261 -13.12 19.09 12.49
C ASP B 261 -13.81 20.21 13.27
N ASP B 262 -15.14 20.12 13.41
CA ASP B 262 -15.90 21.17 14.07
C ASP B 262 -15.52 21.26 15.54
N ILE B 263 -15.11 20.13 16.12
CA ILE B 263 -14.63 20.09 17.50
C ILE B 263 -13.13 20.34 17.52
N GLN B 264 -12.35 19.37 17.01
CA GLN B 264 -10.93 19.29 17.25
C GLN B 264 -10.16 20.31 16.41
N GLY B 265 -10.61 20.51 15.17
CA GLY B 265 -9.98 21.47 14.28
C GLY B 265 -10.16 22.89 14.80
N THR B 266 -11.35 23.17 15.34
CA THR B 266 -11.69 24.46 15.92
C THR B 266 -10.77 24.72 17.11
N ALA B 267 -10.66 23.72 18.00
CA ALA B 267 -9.84 23.82 19.19
C ALA B 267 -8.39 24.16 18.81
N ALA B 268 -7.86 23.47 17.81
CA ALA B 268 -6.48 23.65 17.40
C ALA B 268 -6.25 25.09 16.94
N VAL B 269 -7.18 25.64 16.16
CA VAL B 269 -7.01 26.96 15.59
C VAL B 269 -7.24 28.00 16.70
N ALA B 270 -8.20 27.75 17.59
CA ALA B 270 -8.41 28.60 18.76
C ALA B 270 -7.11 28.69 19.55
N LEU B 271 -6.61 27.53 19.98
CA LEU B 271 -5.42 27.45 20.83
C LEU B 271 -4.23 28.12 20.13
N ALA B 272 -4.14 27.94 18.81
CA ALA B 272 -3.02 28.50 18.05
C ALA B 272 -2.96 30.02 18.24
N GLY B 273 -4.13 30.67 18.32
CA GLY B 273 -4.22 32.09 18.57
C GLY B 273 -3.81 32.45 20.00
N LEU B 274 -4.32 31.69 20.97
CA LEU B 274 -4.07 31.94 22.39
C LEU B 274 -2.56 31.88 22.65
N LEU B 275 -1.89 30.88 22.07
CA LEU B 275 -0.46 30.70 22.24
C LEU B 275 0.29 31.86 21.59
N ALA B 276 -0.23 32.39 20.47
CA ALA B 276 0.40 33.50 19.77
C ALA B 276 0.21 34.80 20.56
N ALA B 277 -0.90 34.90 21.28
CA ALA B 277 -1.16 36.03 22.17
C ALA B 277 -0.21 35.96 23.37
N GLN B 278 0.05 34.75 23.85
CA GLN B 278 0.94 34.50 24.98
C GLN B 278 2.36 34.93 24.64
N LYS B 279 2.74 34.85 23.37
CA LYS B 279 4.07 35.28 22.93
C LYS B 279 4.21 36.79 23.06
N VAL B 280 3.12 37.53 22.85
CA VAL B 280 3.14 39.00 22.90
C VAL B 280 3.19 39.45 24.36
N ILE B 281 2.36 38.86 25.22
CA ILE B 281 2.30 39.21 26.62
C ILE B 281 2.68 37.98 27.45
N SER B 282 3.85 38.03 28.09
CA SER B 282 4.38 36.91 28.84
C SER B 282 3.69 36.78 30.19
N LYS B 283 2.37 36.61 30.17
CA LYS B 283 1.57 36.49 31.37
C LYS B 283 1.72 35.07 31.93
N PRO B 284 2.12 34.88 33.20
CA PRO B 284 2.15 33.54 33.80
C PRO B 284 0.85 32.79 33.53
N ILE B 285 0.96 31.47 33.33
CA ILE B 285 -0.19 30.65 32.97
C ILE B 285 -1.09 30.47 34.19
N SER B 286 -0.52 30.65 35.40
CA SER B 286 -1.30 30.67 36.63
C SER B 286 -2.14 31.95 36.71
N GLU B 287 -1.66 33.03 36.06
CA GLU B 287 -2.36 34.30 36.02
C GLU B 287 -3.14 34.42 34.71
N HIS B 288 -3.85 33.35 34.33
CA HIS B 288 -4.75 33.35 33.19
C HIS B 288 -6.12 32.86 33.67
N LYS B 289 -7.18 33.47 33.14
CA LYS B 289 -8.53 32.99 33.38
C LYS B 289 -9.36 33.25 32.12
N ILE B 290 -10.11 32.22 31.70
CA ILE B 290 -10.74 32.19 30.39
C ILE B 290 -12.25 32.22 30.56
N LEU B 291 -12.91 33.16 29.87
CA LEU B 291 -14.36 33.23 29.89
C LEU B 291 -14.89 32.98 28.49
N PHE B 292 -15.73 31.94 28.37
CA PHE B 292 -16.40 31.60 27.12
C PHE B 292 -17.82 32.17 27.14
N LEU B 293 -18.13 32.99 26.13
CA LEU B 293 -19.51 33.26 25.78
C LEU B 293 -19.98 32.11 24.90
N GLY B 294 -20.90 31.30 25.43
CA GLY B 294 -21.31 30.06 24.80
C GLY B 294 -20.68 28.87 25.50
N ALA B 295 -21.43 27.77 25.59
CA ALA B 295 -20.96 26.55 26.24
C ALA B 295 -21.45 25.34 25.46
N GLY B 296 -21.14 25.33 24.15
CA GLY B 296 -21.54 24.27 23.27
C GLY B 296 -20.33 23.56 22.66
N GLU B 297 -20.51 23.09 21.41
CA GLU B 297 -19.53 22.25 20.74
C GLU B 297 -18.19 22.97 20.67
N ALA B 298 -18.19 24.19 20.13
CA ALA B 298 -16.98 24.95 19.92
C ALA B 298 -16.30 25.28 21.26
N ALA B 299 -17.11 25.67 22.26
CA ALA B 299 -16.58 26.01 23.57
C ALA B 299 -15.94 24.78 24.21
N LEU B 300 -16.71 23.71 24.34
CA LEU B 300 -16.26 22.48 24.97
C LEU B 300 -14.99 21.97 24.29
N GLY B 301 -14.96 22.01 22.96
CA GLY B 301 -13.81 21.56 22.19
C GLY B 301 -12.56 22.35 22.57
N ILE B 302 -12.66 23.69 22.53
CA ILE B 302 -11.52 24.56 22.81
C ILE B 302 -11.12 24.39 24.27
N ALA B 303 -12.11 24.21 25.15
CA ALA B 303 -11.87 24.04 26.57
C ALA B 303 -10.95 22.85 26.82
N ASN B 304 -11.37 21.68 26.32
CA ASN B 304 -10.68 20.43 26.61
C ASN B 304 -9.25 20.49 26.10
N LEU B 305 -9.04 21.20 24.98
CA LEU B 305 -7.72 21.27 24.38
C LEU B 305 -6.84 22.24 25.17
N ILE B 306 -7.42 23.34 25.65
CA ILE B 306 -6.68 24.30 26.45
C ILE B 306 -6.16 23.63 27.71
N VAL B 307 -7.04 22.87 28.39
CA VAL B 307 -6.67 22.13 29.58
C VAL B 307 -5.38 21.37 29.34
N MET B 308 -5.36 20.57 28.26
CA MET B 308 -4.18 19.78 27.91
C MET B 308 -2.96 20.67 27.73
N SER B 309 -3.14 21.83 27.07
CA SER B 309 -2.06 22.76 26.82
C SER B 309 -1.49 23.30 28.13
N MET B 310 -2.36 23.46 29.14
CA MET B 310 -1.95 23.92 30.45
C MET B 310 -1.26 22.78 31.21
N VAL B 311 -1.91 21.60 31.22
CA VAL B 311 -1.39 20.42 31.88
C VAL B 311 0.02 20.13 31.38
N GLU B 312 0.23 20.33 30.06
CA GLU B 312 1.51 20.10 29.43
C GLU B 312 2.57 21.03 30.01
N ASN B 313 2.17 22.27 30.38
CA ASN B 313 3.09 23.29 30.82
C ASN B 313 3.33 23.23 32.33
N GLY B 314 2.50 22.48 33.06
CA GLY B 314 2.80 22.20 34.46
C GLY B 314 1.55 22.00 35.33
N LEU B 315 0.45 22.66 34.98
CA LEU B 315 -0.74 22.65 35.82
C LEU B 315 -1.29 21.22 35.92
N SER B 316 -2.14 21.00 36.92
CA SER B 316 -2.82 19.73 37.08
C SER B 316 -4.10 19.74 36.25
N GLU B 317 -4.92 18.69 36.39
CA GLU B 317 -6.19 18.58 35.69
C GLU B 317 -7.15 19.66 36.22
N GLN B 318 -7.50 19.55 37.51
CA GLN B 318 -8.50 20.41 38.13
C GLN B 318 -8.03 21.86 38.15
N GLU B 319 -6.73 22.07 38.33
CA GLU B 319 -6.16 23.40 38.43
C GLU B 319 -6.44 24.19 37.16
N ALA B 320 -6.16 23.57 35.99
CA ALA B 320 -6.30 24.22 34.70
C ALA B 320 -7.76 24.50 34.36
N GLN B 321 -8.66 23.60 34.79
CA GLN B 321 -10.08 23.72 34.50
C GLN B 321 -10.69 24.89 35.27
N LYS B 322 -10.21 25.10 36.50
CA LYS B 322 -10.75 26.13 37.38
C LYS B 322 -10.39 27.53 36.86
N LYS B 323 -9.55 27.59 35.82
CA LYS B 323 -9.19 28.85 35.20
C LYS B 323 -10.07 29.13 34.00
N ILE B 324 -11.08 28.27 33.75
CA ILE B 324 -11.93 28.38 32.57
C ILE B 324 -13.39 28.43 33.01
N TRP B 325 -14.08 29.49 32.56
CA TRP B 325 -15.48 29.73 32.92
C TRP B 325 -16.32 29.84 31.65
N MET B 326 -17.59 29.41 31.75
CA MET B 326 -18.49 29.36 30.59
C MET B 326 -19.82 30.03 30.92
N PHE B 327 -20.25 30.94 30.03
CA PHE B 327 -21.50 31.67 30.16
C PHE B 327 -22.37 31.41 28.92
N ASP B 328 -23.45 30.64 29.10
CA ASP B 328 -24.32 30.25 28.01
C ASP B 328 -25.55 31.17 28.00
N LYS B 329 -26.64 30.71 27.35
CA LYS B 329 -27.82 31.53 27.14
C LYS B 329 -28.70 31.54 28.40
N TYR B 330 -28.54 30.53 29.26
CA TYR B 330 -29.28 30.46 30.51
C TYR B 330 -28.53 31.22 31.62
N GLY B 331 -27.25 31.55 31.38
CA GLY B 331 -26.47 32.31 32.34
C GLY B 331 -25.09 31.69 32.55
N LEU B 332 -24.51 31.93 33.72
CA LEU B 332 -23.20 31.39 34.07
C LEU B 332 -23.37 29.96 34.57
N LEU B 333 -22.53 29.05 34.05
CA LEU B 333 -22.52 27.67 34.48
C LEU B 333 -21.93 27.61 35.89
N VAL B 334 -22.78 27.29 36.88
CA VAL B 334 -22.38 27.19 38.27
C VAL B 334 -23.05 25.95 38.87
N LYS B 335 -22.40 25.37 39.88
CA LYS B 335 -22.83 24.10 40.46
C LYS B 335 -24.22 24.26 41.08
N GLY B 336 -25.16 23.43 40.62
CA GLY B 336 -26.51 23.39 41.16
C GLY B 336 -27.32 24.63 40.78
N ARG B 337 -27.21 25.06 39.52
CA ARG B 337 -28.05 26.11 38.97
C ARG B 337 -29.32 25.46 38.43
N LYS B 338 -30.19 26.26 37.80
CA LYS B 338 -31.51 25.80 37.39
C LYS B 338 -31.44 25.07 36.05
N ALA B 339 -30.89 25.75 35.03
CA ALA B 339 -30.78 25.18 33.70
C ALA B 339 -29.83 23.99 33.72
N LYS B 340 -30.07 23.02 32.81
CA LYS B 340 -29.38 21.75 32.84
C LYS B 340 -27.91 21.92 32.47
N ILE B 341 -27.11 20.90 32.79
CA ILE B 341 -25.68 20.89 32.57
C ILE B 341 -25.30 19.55 31.94
N ASP B 342 -24.79 19.60 30.70
CA ASP B 342 -24.31 18.40 30.02
C ASP B 342 -23.05 17.90 30.74
N SER B 343 -22.80 16.59 30.63
CA SER B 343 -21.71 15.94 31.34
C SER B 343 -20.35 16.52 30.89
N TYR B 344 -20.25 16.93 29.62
CA TYR B 344 -19.02 17.50 29.10
C TYR B 344 -18.77 18.89 29.70
N GLN B 345 -19.84 19.54 30.16
CA GLN B 345 -19.76 20.88 30.73
C GLN B 345 -19.37 20.81 32.21
N GLU B 346 -19.70 19.68 32.86
CA GLU B 346 -19.56 19.51 34.30
C GLU B 346 -18.17 19.97 34.77
N PRO B 347 -17.06 19.54 34.12
CA PRO B 347 -15.72 20.03 34.50
C PRO B 347 -15.51 21.54 34.53
N PHE B 348 -16.35 22.30 33.80
CA PHE B 348 -16.22 23.74 33.71
C PHE B 348 -17.36 24.43 34.45
N THR B 349 -18.16 23.65 35.20
CA THR B 349 -19.18 24.18 36.08
C THR B 349 -18.60 24.24 37.50
N HIS B 350 -18.23 25.45 37.93
CA HIS B 350 -17.58 25.65 39.23
C HIS B 350 -18.63 26.08 40.25
N SER B 351 -18.18 26.26 41.50
CA SER B 351 -19.05 26.74 42.57
C SER B 351 -19.30 28.23 42.39
N ALA B 352 -20.55 28.65 42.64
CA ALA B 352 -21.01 30.01 42.36
C ALA B 352 -20.18 31.02 43.14
N PRO B 353 -19.76 32.16 42.54
CA PRO B 353 -19.18 33.27 43.29
C PRO B 353 -20.23 33.87 44.20
N GLU B 354 -19.86 34.91 44.95
CA GLU B 354 -20.74 35.52 45.93
C GLU B 354 -21.85 36.28 45.21
N SER B 355 -21.48 36.98 44.13
CA SER B 355 -22.43 37.65 43.26
C SER B 355 -22.49 36.94 41.90
N ILE B 356 -23.57 36.19 41.67
CA ILE B 356 -23.76 35.45 40.42
C ILE B 356 -24.07 36.44 39.30
N PRO B 357 -23.26 36.50 38.22
CA PRO B 357 -23.53 37.39 37.09
C PRO B 357 -24.80 36.99 36.34
N ASP B 358 -25.58 38.01 35.94
CA ASP B 358 -26.80 37.80 35.18
C ASP B 358 -26.60 38.15 33.71
N THR B 359 -25.57 38.95 33.40
CA THR B 359 -25.18 39.20 32.02
C THR B 359 -23.69 38.94 31.87
N PHE B 360 -23.17 39.16 30.66
CA PHE B 360 -21.79 38.84 30.34
C PHE B 360 -20.88 39.96 30.85
N GLU B 361 -21.35 41.21 30.74
CA GLU B 361 -20.60 42.36 31.24
C GLU B 361 -20.35 42.22 32.74
N ASP B 362 -21.33 41.66 33.45
CA ASP B 362 -21.20 41.34 34.86
C ASP B 362 -20.04 40.36 35.07
N ALA B 363 -20.09 39.23 34.34
CA ALA B 363 -19.14 38.14 34.48
C ALA B 363 -17.72 38.64 34.32
N VAL B 364 -17.49 39.49 33.31
CA VAL B 364 -16.18 40.08 33.06
C VAL B 364 -15.71 40.85 34.29
N ASN B 365 -16.63 41.52 34.98
CA ASN B 365 -16.29 42.36 36.12
C ASN B 365 -16.09 41.53 37.39
N ILE B 366 -16.93 40.50 37.58
CA ILE B 366 -16.83 39.64 38.75
C ILE B 366 -15.58 38.77 38.65
N LEU B 367 -15.41 38.08 37.52
CA LEU B 367 -14.40 37.04 37.40
C LEU B 367 -13.04 37.63 36.99
N LYS B 368 -13.05 38.81 36.37
CA LYS B 368 -11.83 39.49 35.95
C LYS B 368 -11.02 38.58 35.02
N PRO B 369 -11.55 38.17 33.85
CA PRO B 369 -10.82 37.28 32.94
C PRO B 369 -9.69 38.01 32.21
N SER B 370 -8.72 37.22 31.71
CA SER B 370 -7.65 37.70 30.86
C SER B 370 -8.04 37.59 29.40
N THR B 371 -8.96 36.65 29.10
CA THR B 371 -9.38 36.38 27.73
C THR B 371 -10.87 36.02 27.73
N ILE B 372 -11.60 36.58 26.76
CA ILE B 372 -12.97 36.18 26.47
C ILE B 372 -12.99 35.54 25.08
N ILE B 373 -13.76 34.46 24.95
CA ILE B 373 -13.90 33.74 23.69
C ILE B 373 -15.39 33.61 23.38
N GLY B 374 -15.79 34.16 22.23
CA GLY B 374 -17.19 34.23 21.85
C GLY B 374 -17.57 33.14 20.84
N VAL B 375 -18.35 32.16 21.32
CA VAL B 375 -18.81 31.06 20.48
C VAL B 375 -20.26 30.76 20.81
N ALA B 376 -21.13 31.76 20.60
CA ALA B 376 -22.56 31.61 20.82
C ALA B 376 -23.34 31.79 19.52
N GLY B 377 -22.73 32.43 18.51
CA GLY B 377 -23.36 32.63 17.22
C GLY B 377 -24.67 33.38 17.34
N ALA B 378 -24.67 34.44 18.16
CA ALA B 378 -25.90 35.12 18.56
C ALA B 378 -25.74 36.64 18.46
N GLY B 379 -24.87 37.11 17.55
CA GLY B 379 -24.73 38.53 17.29
C GLY B 379 -23.75 39.20 18.26
N ARG B 380 -23.84 40.54 18.32
CA ARG B 380 -22.82 41.38 18.92
C ARG B 380 -22.98 41.46 20.44
N LEU B 381 -22.72 40.35 21.13
CA LEU B 381 -22.97 40.23 22.56
C LEU B 381 -21.76 40.70 23.37
N PHE B 382 -20.60 40.82 22.72
CA PHE B 382 -19.50 41.59 23.28
C PHE B 382 -19.80 43.07 23.06
N THR B 383 -20.62 43.64 23.95
CA THR B 383 -21.10 45.01 23.83
C THR B 383 -19.93 45.97 24.08
N PRO B 384 -19.93 47.18 23.50
CA PRO B 384 -18.89 48.18 23.78
C PRO B 384 -18.41 48.25 25.23
N ASP B 385 -19.34 48.07 26.18
CA ASP B 385 -19.03 48.13 27.61
C ASP B 385 -18.23 46.91 28.04
N VAL B 386 -18.40 45.78 27.34
CA VAL B 386 -17.64 44.57 27.63
C VAL B 386 -16.20 44.74 27.18
N ILE B 387 -16.00 45.34 26.00
CA ILE B 387 -14.65 45.53 25.46
C ILE B 387 -13.89 46.52 26.35
N ARG B 388 -14.60 47.55 26.84
CA ARG B 388 -14.01 48.52 27.75
C ARG B 388 -13.68 47.86 29.08
N ALA B 389 -14.61 47.04 29.58
CA ALA B 389 -14.43 46.35 30.86
C ALA B 389 -13.13 45.54 30.83
N MET B 390 -12.91 44.82 29.72
CA MET B 390 -11.69 44.04 29.53
C MET B 390 -10.48 44.96 29.41
N ALA B 391 -10.65 46.09 28.71
CA ALA B 391 -9.56 47.01 28.44
C ALA B 391 -8.99 47.61 29.73
N SER B 392 -9.82 47.72 30.77
CA SER B 392 -9.42 48.34 32.02
C SER B 392 -8.90 47.30 33.01
N ILE B 393 -9.50 46.10 32.99
CA ILE B 393 -9.14 45.02 33.90
C ILE B 393 -7.74 44.49 33.54
N ASN B 394 -7.47 44.34 32.24
CA ASN B 394 -6.22 43.75 31.78
C ASN B 394 -5.38 44.80 31.04
N GLU B 395 -4.06 44.70 31.21
CA GLU B 395 -3.09 45.47 30.45
C GLU B 395 -3.30 45.17 28.96
N ARG B 396 -3.16 43.88 28.60
CA ARG B 396 -3.44 43.43 27.25
C ARG B 396 -4.54 42.37 27.29
N PRO B 397 -5.79 42.72 26.91
CA PRO B 397 -6.89 41.75 26.90
C PRO B 397 -6.99 40.98 25.59
N VAL B 398 -7.25 39.67 25.70
CA VAL B 398 -7.40 38.83 24.53
C VAL B 398 -8.89 38.62 24.28
N ILE B 399 -9.33 38.96 23.07
CA ILE B 399 -10.74 38.95 22.71
C ILE B 399 -10.88 38.14 21.42
N PHE B 400 -11.57 36.99 21.51
CA PHE B 400 -11.79 36.09 20.39
C PHE B 400 -13.27 36.04 20.05
N ALA B 401 -13.61 36.54 18.83
CA ALA B 401 -14.98 36.61 18.36
C ALA B 401 -15.17 35.66 17.18
N LEU B 402 -15.37 34.38 17.49
CA LEU B 402 -15.20 33.31 16.52
C LEU B 402 -16.49 33.04 15.73
N SER B 403 -17.64 33.48 16.26
CA SER B 403 -18.93 33.18 15.65
C SER B 403 -18.98 33.65 14.20
N ASN B 404 -19.55 32.80 13.33
CA ASN B 404 -19.72 33.06 11.91
C ASN B 404 -21.18 32.83 11.52
N PRO B 405 -21.73 33.52 10.49
CA PRO B 405 -20.99 34.51 9.69
C PRO B 405 -20.79 35.86 10.39
N THR B 406 -20.39 36.88 9.61
CA THR B 406 -19.96 38.16 10.13
C THR B 406 -21.03 38.76 11.07
N ALA B 407 -22.30 38.59 10.71
CA ALA B 407 -23.41 39.19 11.41
C ALA B 407 -23.62 38.57 12.79
N GLN B 408 -23.11 37.35 13.01
CA GLN B 408 -23.27 36.65 14.28
C GLN B 408 -22.03 36.81 15.14
N ALA B 409 -21.01 37.52 14.62
CA ALA B 409 -19.78 37.79 15.36
C ALA B 409 -20.09 38.65 16.59
N GLU B 410 -19.27 38.49 17.63
CA GLU B 410 -19.51 39.13 18.91
C GLU B 410 -19.08 40.59 18.86
N CYS B 411 -18.11 40.91 17.99
CA CYS B 411 -17.75 42.30 17.70
C CYS B 411 -16.85 42.35 16.47
N THR B 412 -16.73 43.54 15.88
CA THR B 412 -15.84 43.74 14.75
C THR B 412 -14.43 43.98 15.27
N ALA B 413 -13.48 44.08 14.32
CA ALA B 413 -12.10 44.42 14.63
C ALA B 413 -12.04 45.88 15.07
N GLU B 414 -12.78 46.74 14.35
CA GLU B 414 -12.90 48.15 14.67
C GLU B 414 -13.32 48.33 16.12
N GLU B 415 -14.39 47.64 16.52
CA GLU B 415 -14.96 47.77 17.86
C GLU B 415 -13.95 47.33 18.92
N ALA B 416 -13.14 46.30 18.61
CA ALA B 416 -12.26 45.70 19.59
C ALA B 416 -11.03 46.57 19.82
N TYR B 417 -10.47 47.14 18.73
CA TYR B 417 -9.18 47.81 18.79
C TYR B 417 -9.31 49.25 19.27
N THR B 418 -10.44 49.92 19.00
CA THR B 418 -10.60 51.32 19.37
C THR B 418 -10.90 51.43 20.86
N LEU B 419 -11.74 50.53 21.38
CA LEU B 419 -12.17 50.60 22.78
C LEU B 419 -11.08 50.04 23.71
N THR B 420 -10.00 49.51 23.14
CA THR B 420 -8.84 49.07 23.91
C THR B 420 -7.63 49.94 23.55
N GLU B 421 -7.73 50.70 22.46
CA GLU B 421 -6.75 51.71 22.08
C GLU B 421 -5.43 51.03 21.69
N GLY B 422 -5.54 49.94 20.93
CA GLY B 422 -4.38 49.24 20.40
C GLY B 422 -3.90 48.10 21.31
N ARG B 423 -4.33 48.12 22.59
CA ARG B 423 -3.77 47.23 23.59
C ARG B 423 -4.44 45.85 23.52
N CYS B 424 -5.41 45.68 22.62
CA CYS B 424 -6.14 44.43 22.47
C CYS B 424 -5.38 43.44 21.59
N LEU B 425 -5.52 42.16 21.93
CA LEU B 425 -5.12 41.07 21.05
C LEU B 425 -6.38 40.38 20.53
N PHE B 426 -6.68 40.60 19.25
CA PHE B 426 -7.98 40.25 18.69
C PHE B 426 -7.85 39.20 17.59
N ALA B 427 -8.81 38.27 17.58
CA ALA B 427 -8.99 37.34 16.47
C ALA B 427 -10.47 36.99 16.34
N SER B 428 -10.87 36.59 15.12
CA SER B 428 -12.25 36.25 14.82
C SER B 428 -12.31 35.14 13.78
N GLY B 429 -13.50 34.59 13.58
CA GLY B 429 -13.75 33.61 12.53
C GLY B 429 -13.92 34.30 11.18
N SER B 430 -14.69 35.40 11.18
CA SER B 430 -15.00 36.13 9.95
C SER B 430 -13.86 37.09 9.62
N PRO B 431 -13.63 37.40 8.33
CA PRO B 431 -12.50 38.24 7.92
C PRO B 431 -12.79 39.74 8.08
N PHE B 432 -11.93 40.43 8.85
CA PHE B 432 -12.02 41.87 9.01
C PHE B 432 -10.76 42.51 8.43
N GLY B 433 -10.96 43.50 7.55
CA GLY B 433 -9.86 44.20 6.89
C GLY B 433 -9.01 44.99 7.89
N PRO B 434 -7.95 45.68 7.41
CA PRO B 434 -7.02 46.39 8.31
C PRO B 434 -7.68 47.54 9.08
N VAL B 435 -7.41 47.59 10.39
CA VAL B 435 -7.97 48.59 11.29
C VAL B 435 -6.94 49.70 11.50
N LYS B 436 -7.26 50.90 11.01
CA LYS B 436 -6.36 52.05 11.10
C LYS B 436 -6.93 53.05 12.11
N LEU B 437 -6.25 53.18 13.26
CA LEU B 437 -6.65 54.11 14.30
C LEU B 437 -6.25 55.53 13.90
N THR B 438 -6.75 56.52 14.65
CA THR B 438 -6.56 57.93 14.34
C THR B 438 -5.10 58.34 14.55
N ASP B 439 -4.45 57.73 15.55
CA ASP B 439 -3.10 58.10 15.95
C ASP B 439 -2.08 57.70 14.87
N GLY B 440 -2.42 56.70 14.04
CA GLY B 440 -1.62 56.35 12.88
C GLY B 440 -1.40 54.85 12.74
N ARG B 441 -1.43 54.14 13.87
CA ARG B 441 -1.10 52.72 13.91
C ARG B 441 -2.14 51.90 13.15
N VAL B 442 -1.67 50.91 12.38
CA VAL B 442 -2.52 49.99 11.64
C VAL B 442 -2.44 48.63 12.32
N PHE B 443 -3.61 48.00 12.50
CA PHE B 443 -3.69 46.65 13.04
C PHE B 443 -4.36 45.75 12.01
N THR B 444 -3.65 44.69 11.61
CA THR B 444 -4.20 43.66 10.74
C THR B 444 -4.58 42.48 11.62
N PRO B 445 -5.89 42.25 11.89
CA PRO B 445 -6.32 41.17 12.80
C PRO B 445 -6.29 39.81 12.13
N GLY B 446 -5.95 38.78 12.93
CA GLY B 446 -5.86 37.42 12.42
C GLY B 446 -7.24 36.79 12.29
N GLN B 447 -7.43 35.99 11.24
CA GLN B 447 -8.63 35.20 11.06
C GLN B 447 -8.35 33.78 11.55
N GLY B 448 -9.24 33.26 12.41
CA GLY B 448 -9.07 31.97 13.05
C GLY B 448 -9.81 30.87 12.29
N ASN B 449 -9.42 30.68 11.03
CA ASN B 449 -10.05 29.72 10.12
C ASN B 449 -9.53 28.32 10.43
N ASN B 450 -10.43 27.32 10.40
CA ASN B 450 -10.08 25.94 10.70
C ASN B 450 -9.11 25.37 9.66
N VAL B 451 -9.06 25.99 8.47
CA VAL B 451 -8.32 25.47 7.33
C VAL B 451 -6.81 25.55 7.57
N TYR B 452 -6.37 26.29 8.59
CA TYR B 452 -4.96 26.27 8.96
C TYR B 452 -4.58 24.87 9.43
N ILE B 453 -5.51 24.19 10.11
CA ILE B 453 -5.20 22.96 10.81
C ILE B 453 -5.44 21.75 9.89
N PHE B 454 -6.71 21.50 9.52
CA PHE B 454 -7.16 20.18 9.10
C PHE B 454 -6.39 19.68 7.86
N PRO B 455 -5.98 20.53 6.88
CA PRO B 455 -5.22 20.02 5.74
C PRO B 455 -3.89 19.39 6.16
N GLY B 456 -3.07 20.16 6.88
CA GLY B 456 -1.76 19.70 7.31
C GLY B 456 -1.83 18.43 8.15
N VAL B 457 -2.81 18.37 9.05
CA VAL B 457 -2.96 17.24 9.95
C VAL B 457 -3.33 15.99 9.15
N ALA B 458 -4.31 16.15 8.24
CA ALA B 458 -4.80 15.05 7.43
C ALA B 458 -3.67 14.46 6.60
N LEU B 459 -2.90 15.34 5.94
CA LEU B 459 -1.77 14.92 5.11
C LEU B 459 -0.79 14.10 5.95
N ALA B 460 -0.47 14.59 7.16
CA ALA B 460 0.50 13.93 8.02
C ALA B 460 -0.02 12.55 8.43
N VAL B 461 -1.26 12.51 8.93
CA VAL B 461 -1.86 11.26 9.39
C VAL B 461 -1.82 10.21 8.27
N ILE B 462 -2.03 10.65 7.03
CA ILE B 462 -2.14 9.76 5.90
C ILE B 462 -0.76 9.23 5.49
N LEU B 463 0.24 10.13 5.42
CA LEU B 463 1.57 9.77 4.95
C LEU B 463 2.29 8.89 5.97
N CYS B 464 1.83 8.92 7.24
CA CYS B 464 2.46 8.14 8.29
C CYS B 464 1.69 6.85 8.55
N ASN B 465 0.62 6.61 7.79
CA ASN B 465 -0.23 5.44 7.99
C ASN B 465 -0.64 5.34 9.45
N THR B 466 -1.01 6.49 10.04
CA THR B 466 -1.47 6.54 11.41
C THR B 466 -2.86 5.88 11.49
N ARG B 467 -3.14 5.23 12.62
CA ARG B 467 -4.36 4.45 12.77
C ARG B 467 -5.34 5.14 13.72
N HIS B 468 -4.83 5.94 14.67
CA HIS B 468 -5.66 6.69 15.60
C HIS B 468 -5.10 8.10 15.78
N ILE B 469 -5.98 9.08 15.96
CA ILE B 469 -5.59 10.45 16.20
C ILE B 469 -5.99 10.86 17.62
N SER B 470 -5.01 10.88 18.53
CA SER B 470 -5.20 11.40 19.88
C SER B 470 -5.23 12.93 19.82
N ASP B 471 -5.76 13.55 20.89
CA ASP B 471 -5.95 15.00 20.92
C ASP B 471 -4.62 15.75 20.90
N SER B 472 -3.55 15.08 21.37
CA SER B 472 -2.21 15.66 21.41
C SER B 472 -1.71 16.01 20.00
N VAL B 473 -2.32 15.40 18.97
CA VAL B 473 -1.95 15.70 17.60
C VAL B 473 -2.37 17.13 17.26
N PHE B 474 -3.60 17.49 17.66
CA PHE B 474 -4.15 18.81 17.40
C PHE B 474 -3.43 19.85 18.25
N LEU B 475 -3.09 19.47 19.49
CA LEU B 475 -2.26 20.28 20.36
C LEU B 475 -0.93 20.57 19.67
N GLU B 476 -0.30 19.52 19.13
CA GLU B 476 0.98 19.66 18.46
C GLU B 476 0.83 20.42 17.15
N ALA B 477 -0.35 20.30 16.51
CA ALA B 477 -0.66 21.04 15.30
C ALA B 477 -0.82 22.52 15.62
N ALA B 478 -1.38 22.82 16.80
CA ALA B 478 -1.59 24.19 17.26
C ALA B 478 -0.26 24.90 17.42
N LYS B 479 0.70 24.26 18.08
CA LYS B 479 2.00 24.85 18.30
C LYS B 479 2.72 25.09 16.97
N ALA B 480 2.47 24.19 16.00
CA ALA B 480 3.09 24.28 14.68
C ALA B 480 2.53 25.48 13.91
N LEU B 481 1.25 25.77 14.11
CA LEU B 481 0.60 26.91 13.47
C LEU B 481 1.16 28.21 14.06
N THR B 482 1.21 28.26 15.40
CA THR B 482 1.68 29.42 16.15
C THR B 482 3.12 29.78 15.76
N SER B 483 3.94 28.75 15.53
CA SER B 483 5.38 28.92 15.42
C SER B 483 5.81 29.39 14.03
N GLN B 484 4.84 29.63 13.13
CA GLN B 484 5.14 30.08 11.78
C GLN B 484 4.95 31.60 11.64
N LEU B 485 4.52 32.26 12.73
CA LEU B 485 4.41 33.70 12.76
C LEU B 485 5.80 34.32 12.87
N THR B 486 6.05 35.38 12.10
CA THR B 486 7.25 36.19 12.28
C THR B 486 6.99 37.15 13.43
N ASP B 487 8.08 37.68 14.01
CA ASP B 487 7.98 38.64 15.10
C ASP B 487 7.33 39.93 14.59
N GLU B 488 7.59 40.27 13.31
CA GLU B 488 7.03 41.44 12.67
C GLU B 488 5.50 41.35 12.61
N GLU B 489 4.97 40.15 12.38
CA GLU B 489 3.54 39.93 12.26
C GLU B 489 2.88 40.00 13.63
N LEU B 490 3.61 39.60 14.68
CA LEU B 490 3.14 39.75 16.05
C LEU B 490 3.06 41.24 16.41
N ALA B 491 4.01 42.03 15.89
CA ALA B 491 4.03 43.47 16.09
C ALA B 491 2.87 44.14 15.36
N GLN B 492 2.30 43.45 14.35
CA GLN B 492 1.17 43.96 13.60
C GLN B 492 -0.16 43.46 14.17
N GLY B 493 -0.10 42.68 15.26
CA GLY B 493 -1.30 42.24 15.96
C GLY B 493 -1.96 41.03 15.29
N ARG B 494 -1.24 40.37 14.38
CA ARG B 494 -1.70 39.13 13.76
C ARG B 494 -1.42 37.97 14.72
N LEU B 495 -2.43 37.11 14.92
CA LEU B 495 -2.27 35.90 15.71
C LEU B 495 -2.34 34.66 14.82
N TYR B 496 -2.46 34.87 13.50
CA TYR B 496 -2.51 33.79 12.54
C TYR B 496 -1.74 34.19 11.29
N PRO B 497 -1.01 33.25 10.64
CA PRO B 497 -0.31 33.56 9.40
C PRO B 497 -1.29 34.01 8.33
N PRO B 498 -0.85 34.75 7.29
CA PRO B 498 -1.73 35.14 6.19
C PRO B 498 -2.30 33.93 5.46
N LEU B 499 -3.59 34.01 5.08
CA LEU B 499 -4.23 32.95 4.31
C LEU B 499 -3.65 32.87 2.90
N ALA B 500 -2.90 33.90 2.49
CA ALA B 500 -2.20 33.88 1.22
C ALA B 500 -1.20 32.73 1.16
N ASN B 501 -0.68 32.31 2.32
CA ASN B 501 0.39 31.32 2.38
C ASN B 501 -0.10 30.00 2.98
N ILE B 502 -1.39 29.69 2.80
CA ILE B 502 -2.00 28.54 3.45
C ILE B 502 -1.30 27.26 3.03
N GLN B 503 -0.79 27.21 1.78
CA GLN B 503 -0.08 26.05 1.27
C GLN B 503 1.22 25.85 2.04
N GLU B 504 2.11 26.85 1.97
CA GLU B 504 3.37 26.82 2.69
C GLU B 504 3.12 26.46 4.16
N VAL B 505 2.02 26.99 4.72
CA VAL B 505 1.70 26.82 6.13
C VAL B 505 1.20 25.40 6.40
N SER B 506 0.38 24.85 5.49
CA SER B 506 -0.17 23.52 5.66
C SER B 506 0.92 22.45 5.61
N ILE B 507 1.86 22.59 4.66
CA ILE B 507 2.98 21.67 4.51
C ILE B 507 3.82 21.67 5.79
N ASN B 508 4.14 22.88 6.28
CA ASN B 508 4.97 23.04 7.46
C ASN B 508 4.28 22.42 8.68
N ILE B 509 2.95 22.44 8.70
CA ILE B 509 2.19 21.81 9.77
C ILE B 509 2.26 20.29 9.63
N ALA B 510 2.11 19.81 8.39
CA ALA B 510 2.13 18.39 8.11
C ALA B 510 3.49 17.79 8.49
N ILE B 511 4.56 18.56 8.26
CA ILE B 511 5.91 18.14 8.58
C ILE B 511 6.04 17.94 10.09
N LYS B 512 5.60 18.93 10.86
CA LYS B 512 5.81 18.91 12.31
C LYS B 512 4.97 17.79 12.92
N VAL B 513 3.77 17.56 12.37
CA VAL B 513 2.91 16.50 12.88
C VAL B 513 3.51 15.15 12.53
N THR B 514 4.20 15.06 11.38
CA THR B 514 4.86 13.84 10.96
C THR B 514 5.94 13.49 11.98
N GLU B 515 6.74 14.48 12.37
CA GLU B 515 7.78 14.30 13.37
C GLU B 515 7.17 13.82 14.67
N TYR B 516 6.02 14.40 15.05
CA TYR B 516 5.37 14.06 16.30
C TYR B 516 4.88 12.61 16.25
N LEU B 517 4.31 12.20 15.11
CA LEU B 517 3.70 10.89 14.98
C LEU B 517 4.77 9.79 15.09
N TYR B 518 5.93 10.03 14.45
CA TYR B 518 7.03 9.09 14.47
C TYR B 518 7.67 9.07 15.86
N ALA B 519 7.88 10.26 16.44
CA ALA B 519 8.55 10.39 17.72
C ALA B 519 7.76 9.74 18.85
N ASN B 520 6.43 9.62 18.68
CA ASN B 520 5.56 9.08 19.71
C ASN B 520 4.94 7.75 19.28
N LYS B 521 5.53 7.12 18.25
CA LYS B 521 5.18 5.75 17.86
C LYS B 521 3.70 5.64 17.52
N MET B 522 3.20 6.59 16.71
CA MET B 522 1.84 6.56 16.20
C MET B 522 1.84 6.38 14.69
N ALA B 523 3.04 6.22 14.10
CA ALA B 523 3.18 6.00 12.68
C ALA B 523 3.43 4.52 12.40
N PHE B 524 2.97 4.05 11.23
CA PHE B 524 3.19 2.68 10.81
C PHE B 524 3.71 2.64 9.37
N ARG B 525 4.40 3.70 8.94
CA ARG B 525 4.97 3.75 7.61
C ARG B 525 6.49 3.65 7.74
N TYR B 526 6.99 2.41 7.74
CA TYR B 526 8.41 2.14 7.80
C TYR B 526 8.87 1.63 6.44
N PRO B 527 10.13 1.88 6.01
CA PRO B 527 11.13 2.55 6.85
C PRO B 527 10.84 4.03 7.12
N GLU B 528 11.16 4.47 8.34
CA GLU B 528 10.95 5.84 8.76
C GLU B 528 11.90 6.75 7.99
N PRO B 529 11.40 7.86 7.39
CA PRO B 529 12.27 8.79 6.68
C PRO B 529 13.11 9.57 7.68
N GLU B 530 14.28 10.04 7.26
CA GLU B 530 15.14 10.85 8.10
C GLU B 530 14.73 12.31 7.97
N ASP B 531 14.85 12.85 6.76
CA ASP B 531 14.42 14.22 6.46
C ASP B 531 12.91 14.20 6.23
N LYS B 532 12.16 14.62 7.26
CA LYS B 532 10.70 14.59 7.22
C LYS B 532 10.16 15.66 6.27
N ALA B 533 10.93 16.75 6.09
CA ALA B 533 10.52 17.83 5.20
C ALA B 533 10.48 17.36 3.75
N LYS B 534 11.51 16.61 3.35
CA LYS B 534 11.64 16.12 1.98
C LYS B 534 10.56 15.06 1.73
N TYR B 535 10.28 14.26 2.74
CA TYR B 535 9.29 13.18 2.65
C TYR B 535 7.92 13.76 2.33
N VAL B 536 7.51 14.80 3.05
CA VAL B 536 6.19 15.40 2.89
C VAL B 536 6.14 16.15 1.56
N LYS B 537 7.16 16.99 1.30
CA LYS B 537 7.17 17.87 0.14
C LYS B 537 7.17 17.07 -1.16
N GLU B 538 7.62 15.81 -1.11
CA GLU B 538 7.72 14.98 -2.30
C GLU B 538 6.40 14.28 -2.62
N ARG B 539 5.53 14.13 -1.61
CA ARG B 539 4.32 13.33 -1.76
C ARG B 539 3.08 14.22 -1.97
N THR B 540 3.28 15.54 -2.07
CA THR B 540 2.18 16.44 -2.34
C THR B 540 1.79 16.32 -3.81
N TRP B 541 0.48 16.43 -4.08
CA TRP B 541 -0.05 16.32 -5.43
C TRP B 541 0.07 17.67 -6.13
N ARG B 542 0.52 17.64 -7.39
CA ARG B 542 0.76 18.85 -8.16
C ARG B 542 -0.39 19.04 -9.14
N SER B 543 -0.68 20.31 -9.48
CA SER B 543 -1.74 20.64 -10.41
C SER B 543 -1.17 20.84 -11.83
N GLU B 544 0.16 20.82 -11.98
CA GLU B 544 0.77 21.00 -13.28
C GLU B 544 0.37 19.82 -14.16
N TYR B 545 -0.05 20.12 -15.39
CA TYR B 545 -0.45 19.09 -16.34
C TYR B 545 0.72 18.12 -16.55
N ASP B 546 0.38 16.83 -16.60
CA ASP B 546 1.30 15.80 -17.07
C ASP B 546 1.18 15.70 -18.58
N SER B 547 2.28 15.33 -19.25
CA SER B 547 2.25 14.96 -20.65
C SER B 547 1.59 13.58 -20.77
N LEU B 548 0.70 13.42 -21.76
CA LEU B 548 0.06 12.15 -22.02
C LEU B 548 0.59 11.57 -23.33
N LEU B 549 1.74 12.09 -23.78
CA LEU B 549 2.32 11.71 -25.05
C LEU B 549 3.10 10.40 -24.87
N PRO B 550 2.78 9.33 -25.62
CA PRO B 550 3.53 8.08 -25.53
C PRO B 550 4.92 8.27 -26.14
N ASP B 551 5.89 7.54 -25.61
CA ASP B 551 7.29 7.75 -25.97
C ASP B 551 7.57 7.09 -27.32
N VAL B 552 7.96 7.91 -28.31
CA VAL B 552 8.36 7.42 -29.63
C VAL B 552 9.87 7.59 -29.74
N TYR B 553 10.55 6.49 -30.12
CA TYR B 553 12.00 6.47 -30.22
C TYR B 553 12.43 5.41 -31.22
N GLU B 554 13.70 5.46 -31.62
CA GLU B 554 14.19 4.72 -32.78
C GLU B 554 14.96 3.48 -32.33
N TRP B 555 14.78 2.39 -33.09
CA TRP B 555 15.51 1.14 -32.90
C TRP B 555 16.58 1.02 -33.98
N PRO B 556 17.87 0.79 -33.62
CA PRO B 556 18.90 0.48 -34.62
C PRO B 556 18.45 -0.64 -35.56
N GLU B 557 18.45 -0.35 -36.87
CA GLU B 557 17.87 -1.22 -37.88
C GLU B 557 18.66 -2.53 -37.94
MG MG C . 16.56 -22.30 -13.10
C1 A1AE5 D . 23.33 -25.60 -15.91
O1 A1AE5 D . 22.62 -26.83 -15.81
C2 A1AE5 D . 21.43 -26.63 -15.15
C7 A1AE5 D . 20.29 -27.29 -15.57
C6 A1AE5 D . 19.09 -27.11 -14.88
C3 A1AE5 D . 21.38 -25.81 -14.03
C4 A1AE5 D . 20.19 -25.64 -13.34
C5 A1AE5 D . 19.04 -26.27 -13.78
C8 A1AE5 D . 17.84 -26.14 -13.07
C9 A1AE5 D . 17.27 -27.27 -12.50
C10 A1AE5 D . 16.07 -27.17 -11.81
O2 A1AE5 D . 15.58 -28.18 -11.31
O6 A1AE5 D . 17.89 -28.48 -12.62
C13 A1AE5 D . 17.21 -24.91 -12.95
O3 A1AE5 D . 17.70 -23.90 -13.45
C12 A1AE5 D . 16.01 -24.82 -12.25
O4 A1AE5 D . 15.39 -23.61 -12.14
C11 A1AE5 D . 15.44 -25.94 -11.67
C14 A1AE5 D . 14.22 -25.88 -11.02
C15 A1AE5 D . 13.30 -26.90 -11.18
C16 A1AE5 D . 12.07 -26.86 -10.52
C17 A1AE5 D . 11.76 -25.77 -9.72
O5 A1AE5 D . 10.56 -25.72 -9.07
C20 A1AE5 D . 9.53 -26.28 -9.89
C18 A1AE5 D . 12.67 -24.74 -9.55
C19 A1AE5 D . 13.91 -24.79 -10.19
C1 SIN E . -12.11 -22.71 -21.42
O1 SIN E . -12.12 -21.46 -21.36
O2 SIN E . -11.20 -23.37 -21.96
C2 SIN E . -13.28 -23.47 -20.80
C3 SIN E . -14.41 -22.60 -20.27
C4 SIN E . -15.69 -23.35 -19.93
O3 SIN E . -16.75 -22.70 -19.80
O4 SIN E . -15.62 -24.59 -19.80
PA NAD F . 27.46 -25.67 -13.65
O1A NAD F . 27.91 -25.71 -15.07
O2A NAD F . 27.60 -24.39 -12.90
O5B NAD F . 28.15 -26.84 -12.81
C5B NAD F . 28.65 -28.04 -13.44
C4B NAD F . 29.89 -28.50 -12.71
O4B NAD F . 30.13 -29.89 -12.99
C3B NAD F . 31.18 -27.77 -13.08
O3B NAD F . 31.98 -27.55 -11.92
C2B NAD F . 31.86 -28.76 -14.04
O2B NAD F . 33.26 -28.58 -14.11
C1B NAD F . 31.47 -30.07 -13.37
N9A NAD F . 31.57 -31.25 -14.21
C8A NAD F . 31.08 -31.42 -15.48
N7A NAD F . 31.31 -32.59 -15.98
C5A NAD F . 32.00 -33.27 -14.98
C6A NAD F . 32.52 -34.57 -14.88
N6A NAD F . 32.40 -35.42 -15.89
N1A NAD F . 33.15 -34.93 -13.73
C2A NAD F . 33.24 -34.02 -12.75
N3A NAD F . 32.78 -32.78 -12.73
C4A NAD F . 32.16 -32.45 -13.88
O3 NAD F . 25.93 -26.12 -13.57
PN NAD F . 25.01 -26.00 -12.27
O1N NAD F . 25.89 -26.12 -11.06
O2N NAD F . 24.16 -24.78 -12.40
O5D NAD F . 24.08 -27.30 -12.38
C5D NAD F . 24.67 -28.59 -12.13
C4D NAD F . 23.55 -29.59 -12.03
O4D NAD F . 22.72 -29.26 -10.89
C3D NAD F . 22.63 -29.69 -13.25
O3D NAD F . 22.52 -31.02 -13.74
C2D NAD F . 21.27 -29.15 -12.74
O2D NAD F . 20.16 -29.84 -13.29
C1D NAD F . 21.38 -29.48 -11.25
N1N NAD F . 20.52 -28.65 -10.38
C2N NAD F . 19.60 -29.26 -9.61
C3N NAD F . 18.76 -28.49 -8.80
C7N NAD F . 17.75 -29.20 -7.94
O7N NAD F . 16.95 -28.52 -7.25
N7N NAD F . 17.74 -30.52 -7.93
C4N NAD F . 18.85 -27.11 -8.82
C5N NAD F . 19.80 -26.50 -9.63
C6N NAD F . 20.62 -27.28 -10.41
PA NAD G . -1.85 -6.27 3.75
O1A NAD G . -1.42 -6.18 5.18
O2A NAD G . -3.18 -6.87 3.47
O5B NAD G . -0.71 -7.03 2.90
C5B NAD G . 0.68 -6.65 3.11
C4B NAD G . 1.42 -6.64 1.78
O4B NAD G . 1.24 -7.93 1.14
C3B NAD G . 0.94 -5.61 0.76
O3B NAD G . 2.05 -5.05 0.07
C2B NAD G . 0.04 -6.42 -0.18
O2B NAD G . 0.00 -5.89 -1.49
C1B NAD G . 0.71 -7.79 -0.16
N9A NAD G . -0.16 -8.92 -0.40
C8A NAD G . -1.15 -9.39 0.42
N7A NAD G . -1.75 -10.48 -0.04
C5A NAD G . -1.08 -10.75 -1.22
C6A NAD G . -1.21 -11.77 -2.19
N6A NAD G . -2.13 -12.72 -2.05
N1A NAD G . -0.40 -11.76 -3.26
C2A NAD G . 0.51 -10.77 -3.35
N3A NAD G . 0.74 -9.77 -2.51
C4A NAD G . -0.09 -9.81 -1.45
O3 NAD G . -1.77 -4.81 3.11
PN NAD G . -2.65 -4.06 1.99
O1N NAD G . -2.34 -2.60 2.03
O2N NAD G . -2.54 -4.79 0.69
O5D NAD G . -4.13 -4.30 2.59
C5D NAD G . -4.52 -3.60 3.79
C4D NAD G . -6.00 -3.78 4.00
O4D NAD G . -6.71 -3.35 2.82
C3D NAD G . -6.48 -5.22 4.19
O3D NAD G . -6.24 -5.67 5.53
C2D NAD G . -7.97 -5.08 3.86
O2D NAD G . -8.73 -4.53 4.92
C1D NAD G . -7.92 -4.09 2.69
N1N NAD G . -7.96 -4.74 1.36
C2N NAD G . -9.13 -5.26 0.93
C3N NAD G . -9.19 -5.88 -0.32
C7N NAD G . -10.48 -6.46 -0.79
O7N NAD G . -11.47 -6.42 -0.05
N7N NAD G . -10.53 -7.00 -2.00
C4N NAD G . -8.04 -5.93 -1.11
C5N NAD G . -6.87 -5.38 -0.65
C6N NAD G . -6.83 -4.78 0.58
P PO4 H . 9.69 2.92 -0.92
O1 PO4 H . 10.97 3.35 -1.65
O2 PO4 H . 8.54 3.83 -1.34
O3 PO4 H . 9.38 1.47 -1.30
O4 PO4 H . 9.90 3.03 0.58
C1 SIN I . -4.06 -5.72 10.74
O1 SIN I . -4.26 -6.90 10.39
O2 SIN I . -3.04 -5.36 11.37
C2 SIN I . -5.09 -4.67 10.39
C3 SIN I . -5.62 -4.72 8.95
C4 SIN I . -5.50 -3.43 8.17
O3 SIN I . -6.47 -3.08 7.46
O4 SIN I . -4.45 -2.76 8.27
MG MG J . -18.55 22.43 10.02
C1 A1AE5 K . -23.76 25.67 15.29
O1 A1AE5 K . -23.51 26.84 14.49
C2 A1AE5 K . -22.40 26.66 13.73
C7 A1AE5 K . -22.18 27.46 12.62
C6 A1AE5 K . -21.04 27.30 11.85
C3 A1AE5 K . -21.44 25.71 14.10
C4 A1AE5 K . -20.28 25.56 13.32
C5 A1AE5 K . -20.09 26.34 12.19
C8 A1AE5 K . -18.94 26.22 11.43
C9 A1AE5 K . -18.12 27.33 11.23
C10 A1AE5 K . -16.98 27.24 10.45
O2 A1AE5 K . -16.27 28.23 10.29
O6 A1AE5 K . -18.45 28.52 11.81
C13 A1AE5 K . -18.60 25.01 10.82
O3 A1AE5 K . -19.31 24.02 10.97
C12 A1AE5 K . -17.46 24.92 10.03
O4 A1AE5 K . -17.14 23.73 9.45
C11 A1AE5 K . -16.64 26.03 9.86
C14 A1AE5 K . -15.52 25.96 9.03
C15 A1AE5 K . -15.28 26.99 8.12
C16 A1AE5 K . -14.19 26.94 7.27
C17 A1AE5 K . -13.35 25.84 7.29
O5 A1AE5 K . -12.26 25.78 6.47
C20 A1AE5 K . -12.49 26.55 5.28
C18 A1AE5 K . -13.59 24.80 8.19
C19 A1AE5 K . -14.67 24.86 9.05
PA NAD L . -23.66 25.32 19.69
O1A NAD L . -25.11 25.42 19.33
O2A NAD L . -23.07 23.99 19.99
O5B NAD L . -23.32 26.31 20.90
C5B NAD L . -24.07 27.53 21.13
C4B NAD L . -23.90 27.94 22.57
O4B NAD L . -24.15 29.37 22.70
C3B NAD L . -24.84 27.26 23.57
O3B NAD L . -24.19 26.99 24.81
C2B NAD L . -25.94 28.31 23.75
O2B NAD L . -26.67 28.17 24.94
C1B NAD L . -25.09 29.57 23.73
N9A NAD L . -25.83 30.80 23.47
C8A NAD L . -26.77 31.00 22.48
N7A NAD L . -27.27 32.21 22.50
C5A NAD L . -26.62 32.85 23.54
C6A NAD L . -26.70 34.15 24.08
N6A NAD L . -27.54 35.05 23.57
N1A NAD L . -25.92 34.46 25.15
C2A NAD L . -25.10 33.52 25.62
N3A NAD L . -24.94 32.26 25.20
C4A NAD L . -25.73 31.98 24.15
O3 NAD L . -22.80 26.01 18.52
PN NAD L . -21.27 25.70 18.23
O1N NAD L . -20.54 25.75 19.53
O2N NAD L . -21.20 24.46 17.41
O5D NAD L . -20.85 26.96 17.33
C5D NAD L . -21.01 28.28 17.88
C4D NAD L . -20.27 29.26 17.02
O4D NAD L . -18.92 28.81 16.82
C3D NAD L . -20.87 29.49 15.61
O3D NAD L . -21.30 30.83 15.44
C2D NAD L . -19.71 29.15 14.64
O2D NAD L . -19.62 30.09 13.58
C1D NAD L . -18.49 29.25 15.56
N1N NAD L . -17.33 28.45 15.10
C2N NAD L . -16.28 29.10 14.56
C3N NAD L . -15.19 28.37 14.10
C7N NAD L . -14.02 29.10 13.49
O7N NAD L . -13.07 28.47 13.01
N7N NAD L . -14.04 30.43 13.50
C4N NAD L . -15.18 26.99 14.22
C5N NAD L . -16.27 26.34 14.78
C6N NAD L . -17.35 27.08 15.22
PA NAD M . 4.38 6.31 0.38
O1A NAD M . 4.93 5.09 1.04
O2A NAD M . 5.34 7.29 -0.20
O5B NAD M . 3.35 7.06 1.36
C5B NAD M . 2.66 6.30 2.40
C4B NAD M . 1.18 6.55 2.35
O4B NAD M . 0.93 7.89 1.86
C3B NAD M . 0.36 5.62 1.44
O3B NAD M . -0.83 5.24 2.11
C2B NAD M . 0.06 6.49 0.21
O2B NAD M . -1.12 6.09 -0.45
C1B NAD M . -0.09 7.84 0.88
N9A NAD M . 0.07 9.01 0.02
C8A NAD M . 1.23 9.47 -0.55
N7A NAD M . 1.08 10.58 -1.22
C5A NAD M . -0.26 10.90 -1.06
C6A NAD M . -1.06 11.97 -1.52
N6A NAD M . -0.53 12.93 -2.27
N1A NAD M . -2.37 11.98 -1.18
C2A NAD M . -2.84 10.99 -0.41
N3A NAD M . -2.19 9.93 0.08
C4A NAD M . -0.89 9.94 -0.28
O3 NAD M . 3.37 5.87 -0.77
PN NAD M . 3.03 4.43 -1.39
O1N NAD M . 2.13 4.63 -2.57
O2N NAD M . 2.59 3.52 -0.30
O5D NAD M . 4.49 3.99 -1.89
C5D NAD M . 5.37 4.93 -2.54
C4D NAD M . 6.17 4.23 -3.63
O4D NAD M . 5.53 2.98 -3.96
C3D NAD M . 6.27 4.98 -4.96
O3D NAD M . 7.43 4.55 -5.68
C2D NAD M . 4.96 4.57 -5.65
O2D NAD M . 4.98 4.75 -7.05
C1D NAD M . 4.93 3.08 -5.26
N1N NAD M . 3.58 2.50 -5.20
#